data_9I76
#
_entry.id   9I76
#
_cell.length_a   100.8
_cell.length_b   103.8
_cell.length_c   141.72
_cell.angle_alpha   90
_cell.angle_beta   90
_cell.angle_gamma   90
#
_symmetry.space_group_name_H-M   'C 2 2 21'
#
loop_
_entity.id
_entity.type
_entity.pdbx_description
1 polymer '3-oxoacyl-[acyl-carrier-protein] synthase 2'
2 non-polymer '4-(1~{H}-pyrazol-3-ylcarbonylamino)butanoic acid'
3 non-polymer 'DIMETHYL SULFOXIDE'
4 non-polymer 'FORMIC ACID'
5 non-polymer 'PHOSPHATE ION'
6 water water
#
_entity_poly.entity_id   1
_entity_poly.type   'polypeptide(L)'
_entity_poly.pdbx_seq_one_letter_code
;GHMASMSRRRVVITGMGMLSPLGLDVPSSWEGILAGRSGIAPIEHMDLSAYSTRFGGSVKGFNVEEYLSAKEARKLDLFI
QYGLAASFQAVRDSGLEVTDANRERIGVSMGSGIGGLTNIENNCRSLFEQGPRRISPFFVPGSIINMVSGFLSIHLGLQG
PNYALTTAATTGTHSIGMAARNIAYGEADVMVAGGSEMAACGLGLGGFGAARALSTRNDEPTRASRPWDRDRDGFVLSDG
SGALVLEELEHARARGARIYAELVGFGMSGDAFHMTAPPEDGAGAARCMKNALRDAGLDPRQVDYINAHGTSTPAGDIAE
IAAVKSVFGEHAHALSMSSTKSMTGHLLGAAGAVEAIFSVLALRDQVAPPTINLDNPDEGCDLDLVAHEAKPRKIDVALS
NSFGFGGTNGTLVFRRFAD
;
_entity_poly.pdbx_strand_id   A,B
#
# COMPACT_ATOMS: atom_id res chain seq x y z
N SER A 7 -29.88 -7.13 -27.42
CA SER A 7 -29.85 -8.61 -27.57
C SER A 7 -30.86 -9.05 -28.64
N ARG A 8 -30.99 -8.27 -29.75
CA ARG A 8 -31.89 -8.62 -30.85
C ARG A 8 -31.24 -9.75 -31.66
N ARG A 9 -30.20 -9.46 -32.46
CA ARG A 9 -29.49 -10.48 -33.22
C ARG A 9 -28.50 -11.21 -32.31
N ARG A 10 -28.16 -12.44 -32.67
CA ARG A 10 -27.24 -13.26 -31.88
C ARG A 10 -25.78 -12.96 -32.34
N VAL A 11 -24.86 -13.07 -31.41
CA VAL A 11 -23.46 -12.69 -31.59
C VAL A 11 -22.59 -13.87 -31.22
N VAL A 12 -21.71 -14.27 -32.14
CA VAL A 12 -20.82 -15.39 -31.91
C VAL A 12 -19.36 -14.89 -32.09
N ILE A 13 -18.44 -15.72 -31.62
CA ILE A 13 -17.02 -15.45 -31.72
C ILE A 13 -16.44 -16.38 -32.80
N THR A 14 -15.80 -15.79 -33.81
CA THR A 14 -15.32 -16.55 -34.98
C THR A 14 -13.81 -16.41 -35.16
N GLY A 15 -13.11 -15.62 -34.35
CA GLY A 15 -11.67 -15.48 -34.48
C GLY A 15 -11.11 -14.89 -33.19
N MET A 16 -9.90 -15.29 -32.81
CA MET A 16 -9.27 -14.79 -31.57
C MET A 16 -7.78 -14.63 -31.81
N GLY A 17 -7.19 -13.68 -31.11
CA GLY A 17 -5.79 -13.40 -31.21
C GLY A 17 -5.27 -12.81 -29.91
N MET A 18 -3.98 -13.00 -29.65
CA MET A 18 -3.44 -12.65 -28.35
C MET A 18 -1.92 -12.51 -28.38
N LEU A 19 -1.43 -11.57 -27.56
CA LEU A 19 -0.04 -11.57 -27.06
C LEU A 19 -0.14 -11.61 -25.54
N SER A 20 0.57 -12.52 -24.86
CA SER A 20 0.54 -12.53 -23.41
C SER A 20 1.90 -12.87 -22.86
N PRO A 21 2.04 -12.83 -21.54
CA PRO A 21 3.29 -13.32 -20.93
C PRO A 21 3.54 -14.82 -21.08
N LEU A 22 2.54 -15.59 -21.55
CA LEU A 22 2.63 -17.02 -21.78
C LEU A 22 2.85 -17.40 -23.24
N GLY A 23 2.75 -16.44 -24.18
CA GLY A 23 2.88 -16.82 -25.57
C GLY A 23 2.57 -15.69 -26.53
N LEU A 24 3.05 -15.86 -27.78
CA LEU A 24 2.86 -14.85 -28.82
C LEU A 24 1.64 -15.11 -29.70
N ASP A 25 0.79 -16.05 -29.30
CA ASP A 25 -0.46 -16.32 -29.96
C ASP A 25 -1.39 -17.05 -28.97
N VAL A 26 -2.60 -17.35 -29.43
CA VAL A 26 -3.58 -17.98 -28.58
C VAL A 26 -3.16 -19.41 -28.18
N PRO A 27 -2.88 -20.33 -29.13
N PRO A 27 -2.89 -20.32 -29.14
CA PRO A 27 -2.58 -21.69 -28.71
CA PRO A 27 -2.55 -21.69 -28.74
C PRO A 27 -1.38 -21.82 -27.75
C PRO A 27 -1.39 -21.81 -27.75
N SER A 28 -0.31 -21.03 -27.95
CA SER A 28 0.84 -21.07 -27.05
C SER A 28 0.47 -20.61 -25.65
N SER A 29 -0.30 -19.52 -25.62
CA SER A 29 -0.76 -19.00 -24.34
C SER A 29 -1.65 -20.01 -23.60
N TRP A 30 -2.65 -20.57 -24.30
CA TRP A 30 -3.55 -21.54 -23.72
C TRP A 30 -2.85 -22.80 -23.22
N GLU A 31 -1.84 -23.28 -23.97
CA GLU A 31 -1.04 -24.41 -23.50
C GLU A 31 -0.41 -24.09 -22.15
N GLY A 32 0.10 -22.86 -22.01
CA GLY A 32 0.65 -22.40 -20.75
C GLY A 32 -0.36 -22.37 -19.61
N ILE A 33 -1.55 -21.87 -19.91
CA ILE A 33 -2.62 -21.77 -18.93
C ILE A 33 -2.98 -23.17 -18.42
N LEU A 34 -3.19 -24.12 -19.33
CA LEU A 34 -3.60 -25.44 -18.90
C LEU A 34 -2.49 -26.20 -18.19
N ALA A 35 -1.23 -25.85 -18.42
CA ALA A 35 -0.11 -26.48 -17.74
C ALA A 35 0.18 -25.82 -16.39
N GLY A 36 -0.50 -24.72 -16.05
CA GLY A 36 -0.23 -24.03 -14.81
C GLY A 36 1.09 -23.28 -14.85
N ARG A 37 1.53 -22.84 -16.04
CA ARG A 37 2.82 -22.16 -16.18
CA ARG A 37 2.81 -22.15 -16.19
C ARG A 37 2.67 -20.69 -15.79
N SER A 38 3.70 -20.14 -15.16
CA SER A 38 3.80 -18.73 -14.89
C SER A 38 4.48 -17.99 -16.02
N GLY A 39 3.97 -16.80 -16.36
CA GLY A 39 4.60 -15.94 -17.32
C GLY A 39 5.37 -14.77 -16.67
N ILE A 40 5.56 -14.79 -15.36
CA ILE A 40 6.12 -13.70 -14.59
C ILE A 40 7.62 -13.93 -14.37
N ALA A 41 8.38 -12.88 -14.56
CA ALA A 41 9.84 -12.94 -14.40
C ALA A 41 10.37 -11.58 -14.06
N PRO A 42 11.66 -11.52 -13.59
CA PRO A 42 12.34 -10.24 -13.49
C PRO A 42 12.35 -9.49 -14.81
N ILE A 43 12.10 -8.18 -14.74
CA ILE A 43 12.01 -7.36 -15.91
C ILE A 43 13.43 -7.10 -16.45
N GLU A 44 13.56 -7.23 -17.78
CA GLU A 44 14.86 -7.19 -18.45
C GLU A 44 15.09 -5.88 -19.21
N HIS A 45 14.01 -5.24 -19.70
CA HIS A 45 14.12 -4.11 -20.62
C HIS A 45 14.42 -2.79 -19.90
N MET A 46 14.43 -2.75 -18.56
CA MET A 46 14.85 -1.55 -17.85
C MET A 46 15.55 -1.93 -16.56
N ASP A 47 16.25 -0.95 -15.96
CA ASP A 47 16.99 -1.16 -14.72
C ASP A 47 16.17 -0.69 -13.52
N LEU A 48 15.75 -1.63 -12.64
CA LEU A 48 14.78 -1.33 -11.59
C LEU A 48 15.32 -1.31 -10.14
N SER A 49 16.54 -0.79 -9.89
CA SER A 49 17.12 -0.71 -8.54
C SER A 49 16.43 0.27 -7.57
N ALA A 50 15.85 1.39 -8.03
CA ALA A 50 15.04 2.24 -7.16
C ALA A 50 13.62 1.72 -6.98
N TYR A 51 13.25 0.53 -7.52
CA TYR A 51 11.85 0.18 -7.51
C TYR A 51 11.64 -0.92 -6.47
N SER A 52 10.47 -0.88 -5.85
CA SER A 52 10.13 -1.91 -4.89
C SER A 52 9.57 -3.17 -5.55
N THR A 53 9.18 -3.09 -6.84
CA THR A 53 8.75 -4.22 -7.65
C THR A 53 9.63 -4.26 -8.91
N ARG A 54 10.30 -5.39 -9.15
CA ARG A 54 11.28 -5.50 -10.22
C ARG A 54 10.96 -6.62 -11.18
N PHE A 55 9.69 -7.08 -11.17
CA PHE A 55 9.26 -8.20 -11.99
C PHE A 55 7.85 -7.91 -12.52
N GLY A 56 7.47 -8.71 -13.51
CA GLY A 56 6.15 -8.55 -14.11
C GLY A 56 6.01 -9.51 -15.29
N GLY A 57 4.88 -9.40 -16.00
CA GLY A 57 4.62 -10.31 -17.10
C GLY A 57 4.89 -9.60 -18.42
N SER A 58 6.08 -9.83 -19.01
CA SER A 58 6.43 -9.21 -20.29
C SER A 58 6.03 -10.10 -21.43
N VAL A 59 5.84 -9.49 -22.61
CA VAL A 59 5.73 -10.26 -23.84
C VAL A 59 7.16 -10.57 -24.29
N LYS A 60 7.46 -11.84 -24.47
CA LYS A 60 8.84 -12.27 -24.75
C LYS A 60 8.98 -12.62 -26.22
N GLY A 61 9.93 -11.94 -26.91
CA GLY A 61 10.26 -12.35 -28.26
C GLY A 61 9.33 -11.78 -29.32
N PHE A 62 8.49 -10.78 -29.01
CA PHE A 62 7.61 -10.19 -29.99
C PHE A 62 8.39 -9.55 -31.15
N ASN A 63 7.98 -9.89 -32.38
CA ASN A 63 8.55 -9.30 -33.56
C ASN A 63 7.44 -8.57 -34.30
N VAL A 64 7.45 -7.26 -34.18
CA VAL A 64 6.43 -6.40 -34.79
C VAL A 64 6.46 -6.52 -36.32
N GLU A 65 7.64 -6.86 -36.88
CA GLU A 65 7.79 -6.97 -38.32
C GLU A 65 7.12 -8.21 -38.90
N GLU A 66 6.55 -9.12 -38.08
CA GLU A 66 5.59 -10.08 -38.57
C GLU A 66 4.26 -9.44 -38.97
N TYR A 67 3.98 -8.20 -38.53
CA TYR A 67 2.70 -7.56 -38.73
C TYR A 67 2.83 -6.25 -39.51
N LEU A 68 3.92 -5.48 -39.28
CA LEU A 68 4.02 -4.13 -39.78
C LEU A 68 5.41 -3.98 -40.39
N SER A 69 5.54 -3.03 -41.30
CA SER A 69 6.87 -2.58 -41.70
C SER A 69 7.61 -1.90 -40.54
N ALA A 70 8.95 -1.82 -40.64
CA ALA A 70 9.74 -1.19 -39.57
C ALA A 70 9.41 0.31 -39.53
N LYS A 71 9.17 0.88 -40.72
CA LYS A 71 8.87 2.30 -40.84
C LYS A 71 7.60 2.63 -40.06
N GLU A 72 6.52 1.86 -40.28
CA GLU A 72 5.23 2.04 -39.63
C GLU A 72 5.38 1.81 -38.12
N ALA A 73 6.07 0.73 -37.76
CA ALA A 73 6.17 0.30 -36.38
C ALA A 73 6.89 1.34 -35.51
N ARG A 74 7.91 2.02 -36.05
CA ARG A 74 8.71 2.95 -35.26
C ARG A 74 7.89 4.19 -34.86
N LYS A 75 6.76 4.47 -35.52
CA LYS A 75 5.85 5.56 -35.23
C LYS A 75 4.83 5.22 -34.12
N LEU A 76 4.71 3.95 -33.71
CA LEU A 76 3.60 3.53 -32.84
C LEU A 76 4.14 3.05 -31.50
N ASP A 77 3.50 3.50 -30.41
CA ASP A 77 3.78 2.96 -29.09
C ASP A 77 3.59 1.45 -29.09
N LEU A 78 4.32 0.77 -28.19
CA LEU A 78 4.20 -0.66 -28.04
C LEU A 78 2.74 -1.09 -27.80
N PHE A 79 1.93 -0.34 -27.04
CA PHE A 79 0.58 -0.84 -26.77
C PHE A 79 -0.20 -0.92 -28.09
N ILE A 80 0.08 0.02 -29.02
CA ILE A 80 -0.56 -0.06 -30.31
C ILE A 80 -0.05 -1.24 -31.13
N GLN A 81 1.27 -1.45 -31.14
CA GLN A 81 1.83 -2.63 -31.82
C GLN A 81 1.19 -3.92 -31.32
N TYR A 82 1.00 -4.03 -30.00
CA TYR A 82 0.46 -5.24 -29.42
C TYR A 82 -1.01 -5.39 -29.83
N GLY A 83 -1.79 -4.30 -29.75
CA GLY A 83 -3.20 -4.35 -30.15
C GLY A 83 -3.39 -4.77 -31.60
N LEU A 84 -2.52 -4.21 -32.46
CA LEU A 84 -2.62 -4.55 -33.88
C LEU A 84 -2.23 -6.01 -34.10
N ALA A 85 -1.20 -6.50 -33.39
CA ALA A 85 -0.82 -7.90 -33.55
C ALA A 85 -1.98 -8.83 -33.19
N ALA A 86 -2.63 -8.60 -32.04
CA ALA A 86 -3.76 -9.44 -31.62
C ALA A 86 -4.90 -9.33 -32.64
N SER A 87 -5.20 -8.11 -33.12
CA SER A 87 -6.28 -7.88 -34.06
C SER A 87 -6.05 -8.61 -35.37
N PHE A 88 -4.83 -8.49 -35.88
CA PHE A 88 -4.51 -9.20 -37.13
C PHE A 88 -4.61 -10.69 -36.95
N GLN A 89 -4.14 -11.24 -35.85
CA GLN A 89 -4.30 -12.65 -35.58
C GLN A 89 -5.77 -13.05 -35.58
N ALA A 90 -6.62 -12.24 -34.89
CA ALA A 90 -8.02 -12.61 -34.80
C ALA A 90 -8.71 -12.59 -36.16
N VAL A 91 -8.43 -11.57 -36.97
CA VAL A 91 -9.04 -11.45 -38.28
C VAL A 91 -8.58 -12.63 -39.14
N ARG A 92 -7.29 -12.93 -39.11
CA ARG A 92 -6.81 -14.08 -39.92
C ARG A 92 -7.47 -15.37 -39.47
N ASP A 93 -7.61 -15.57 -38.14
CA ASP A 93 -8.22 -16.73 -37.53
C ASP A 93 -9.69 -16.88 -37.94
N SER A 94 -10.39 -15.76 -38.21
CA SER A 94 -11.80 -15.81 -38.52
C SER A 94 -12.04 -16.24 -39.96
N GLY A 95 -11.04 -16.03 -40.83
CA GLY A 95 -11.16 -16.33 -42.26
C GLY A 95 -11.97 -15.30 -43.03
N LEU A 96 -12.44 -14.22 -42.38
CA LEU A 96 -13.32 -13.28 -43.04
C LEU A 96 -12.57 -12.56 -44.15
N GLU A 97 -13.22 -12.40 -45.31
CA GLU A 97 -12.73 -11.63 -46.43
C GLU A 97 -13.48 -10.29 -46.48
N VAL A 98 -12.74 -9.20 -46.34
CA VAL A 98 -13.27 -7.84 -46.44
C VAL A 98 -13.40 -7.41 -47.89
N THR A 99 -14.59 -6.94 -48.29
CA THR A 99 -14.88 -6.52 -49.66
C THR A 99 -15.64 -5.21 -49.63
N ASP A 100 -15.86 -4.59 -50.81
CA ASP A 100 -16.73 -3.41 -50.91
C ASP A 100 -18.13 -3.67 -50.40
N ALA A 101 -18.62 -4.91 -50.54
CA ALA A 101 -19.97 -5.26 -50.15
C ALA A 101 -20.16 -5.33 -48.65
N ASN A 102 -19.08 -5.53 -47.87
CA ASN A 102 -19.24 -5.68 -46.45
C ASN A 102 -18.38 -4.72 -45.61
N ARG A 103 -17.50 -3.89 -46.21
CA ARG A 103 -16.54 -3.18 -45.37
C ARG A 103 -17.23 -2.13 -44.48
N GLU A 104 -18.43 -1.61 -44.89
CA GLU A 104 -19.15 -0.66 -44.04
C GLU A 104 -19.77 -1.31 -42.81
N ARG A 105 -19.83 -2.64 -42.78
CA ARG A 105 -20.49 -3.44 -41.78
C ARG A 105 -19.49 -4.05 -40.81
N ILE A 106 -18.20 -3.71 -40.96
CA ILE A 106 -17.17 -4.25 -40.08
C ILE A 106 -16.50 -3.10 -39.34
N GLY A 107 -16.52 -3.14 -38.01
CA GLY A 107 -15.88 -2.09 -37.21
C GLY A 107 -14.87 -2.63 -36.21
N VAL A 108 -14.44 -1.70 -35.32
CA VAL A 108 -13.33 -1.96 -34.42
CA VAL A 108 -13.40 -2.03 -34.39
C VAL A 108 -13.61 -1.24 -33.10
N SER A 109 -13.41 -1.97 -32.00
CA SER A 109 -13.41 -1.40 -30.66
C SER A 109 -12.29 -2.05 -29.85
N MET A 110 -11.09 -1.54 -29.99
CA MET A 110 -9.90 -1.93 -29.23
C MET A 110 -9.56 -0.81 -28.25
N GLY A 111 -9.48 -1.13 -26.95
CA GLY A 111 -9.21 -0.13 -25.93
C GLY A 111 -7.86 -0.32 -25.23
N SER A 112 -7.61 0.59 -24.29
CA SER A 112 -6.43 0.48 -23.43
C SER A 112 -6.74 1.20 -22.14
N GLY A 113 -6.09 0.76 -21.07
CA GLY A 113 -6.27 1.42 -19.77
C GLY A 113 -5.48 2.69 -19.67
N ILE A 114 -4.20 2.60 -20.03
CA ILE A 114 -3.23 3.66 -19.78
C ILE A 114 -2.65 4.16 -21.10
N GLY A 115 -2.70 3.40 -22.21
CA GLY A 115 -2.23 3.86 -23.49
C GLY A 115 -0.70 4.04 -23.49
N GLY A 116 -0.24 5.07 -24.17
CA GLY A 116 1.13 5.15 -24.66
C GLY A 116 2.09 5.78 -23.65
N LEU A 117 2.14 5.22 -22.47
CA LEU A 117 2.95 5.78 -21.38
C LEU A 117 4.45 5.72 -21.71
N THR A 118 4.95 4.66 -22.37
CA THR A 118 6.36 4.57 -22.77
C THR A 118 6.71 5.73 -23.70
N ASN A 119 5.91 5.89 -24.74
CA ASN A 119 6.12 6.98 -25.68
CA ASN A 119 6.14 6.98 -25.69
C ASN A 119 6.05 8.34 -25.00
N ILE A 120 5.10 8.54 -24.08
CA ILE A 120 4.97 9.81 -23.42
C ILE A 120 6.23 10.10 -22.61
N GLU A 121 6.70 9.07 -21.89
CA GLU A 121 7.88 9.24 -21.06
C GLU A 121 9.10 9.54 -21.93
N ASN A 122 9.27 8.85 -23.06
CA ASN A 122 10.40 9.12 -23.96
C ASN A 122 10.34 10.53 -24.55
N ASN A 123 9.15 11.01 -24.93
CA ASN A 123 9.00 12.35 -25.47
C ASN A 123 9.17 13.39 -24.37
N CYS A 124 8.74 13.07 -23.15
CA CYS A 124 8.98 13.95 -22.03
C CYS A 124 10.47 14.15 -21.77
N ARG A 125 11.27 13.07 -21.89
CA ARG A 125 12.71 13.17 -21.71
C ARG A 125 13.29 14.15 -22.72
N SER A 126 12.91 14.01 -24.00
CA SER A 126 13.37 14.89 -25.08
C SER A 126 13.00 16.34 -24.78
N LEU A 127 11.73 16.55 -24.42
CA LEU A 127 11.21 17.87 -24.06
C LEU A 127 12.04 18.50 -22.95
N PHE A 128 12.36 17.74 -21.90
CA PHE A 128 13.00 18.34 -20.74
C PHE A 128 14.48 18.56 -20.98
N GLU A 129 15.12 17.68 -21.76
CA GLU A 129 16.56 17.82 -22.00
C GLU A 129 16.83 18.86 -23.10
N GLN A 130 16.02 18.87 -24.17
CA GLN A 130 16.32 19.55 -25.41
C GLN A 130 15.21 20.47 -25.95
N GLY A 131 14.02 20.53 -25.30
CA GLY A 131 12.96 21.45 -25.66
C GLY A 131 11.94 20.83 -26.62
N PRO A 132 10.86 21.58 -26.93
CA PRO A 132 9.70 21.02 -27.66
C PRO A 132 9.94 20.65 -29.10
N ARG A 133 10.99 21.25 -29.71
CA ARG A 133 11.35 20.98 -31.08
C ARG A 133 11.86 19.52 -31.24
N ARG A 134 12.19 18.83 -30.13
CA ARG A 134 12.63 17.45 -30.17
C ARG A 134 11.49 16.46 -29.94
N ILE A 135 10.25 16.95 -29.73
CA ILE A 135 9.10 16.05 -29.69
C ILE A 135 8.87 15.44 -31.05
N SER A 136 8.57 14.14 -31.13
CA SER A 136 8.28 13.51 -32.41
C SER A 136 7.02 14.07 -33.06
N PRO A 137 7.00 14.26 -34.40
CA PRO A 137 5.76 14.51 -35.14
C PRO A 137 4.68 13.47 -35.01
N PHE A 138 5.10 12.21 -34.72
CA PHE A 138 4.15 11.10 -34.59
C PHE A 138 3.75 10.89 -33.14
N PHE A 139 4.15 11.78 -32.22
CA PHE A 139 3.88 11.63 -30.79
C PHE A 139 2.37 11.47 -30.56
N VAL A 140 1.55 12.37 -31.09
CA VAL A 140 0.09 12.27 -30.87
C VAL A 140 -0.53 11.05 -31.53
N PRO A 141 -0.46 10.86 -32.86
CA PRO A 141 -1.15 9.73 -33.48
C PRO A 141 -0.56 8.39 -33.10
N GLY A 142 0.71 8.36 -32.70
CA GLY A 142 1.35 7.15 -32.23
C GLY A 142 1.15 6.82 -30.76
N SER A 143 0.41 7.66 -30.00
CA SER A 143 0.27 7.44 -28.58
C SER A 143 -1.18 7.41 -28.07
N ILE A 144 -2.12 7.95 -28.81
CA ILE A 144 -3.48 8.10 -28.30
C ILE A 144 -4.14 6.74 -28.43
N ILE A 145 -5.08 6.51 -27.50
CA ILE A 145 -5.60 5.17 -27.30
C ILE A 145 -6.43 4.67 -28.48
N ASN A 146 -7.10 5.58 -29.21
CA ASN A 146 -7.98 5.15 -30.29
C ASN A 146 -7.19 4.77 -31.55
N MET A 147 -5.86 4.86 -31.52
CA MET A 147 -5.12 4.54 -32.75
C MET A 147 -4.95 3.05 -33.00
N VAL A 148 -5.27 2.14 -32.06
CA VAL A 148 -5.38 0.73 -32.46
C VAL A 148 -6.56 0.56 -33.42
N SER A 149 -7.75 1.05 -33.00
CA SER A 149 -8.91 1.04 -33.87
C SER A 149 -8.68 1.78 -35.16
N GLY A 150 -8.02 2.95 -35.07
CA GLY A 150 -7.76 3.75 -36.25
C GLY A 150 -6.84 3.01 -37.25
N PHE A 151 -5.65 2.60 -36.79
CA PHE A 151 -4.70 1.92 -37.67
C PHE A 151 -5.23 0.59 -38.20
N LEU A 152 -5.98 -0.15 -37.38
CA LEU A 152 -6.51 -1.43 -37.85
C LEU A 152 -7.47 -1.15 -39.00
N SER A 153 -8.35 -0.16 -38.78
CA SER A 153 -9.34 0.17 -39.80
C SER A 153 -8.68 0.58 -41.11
N ILE A 154 -7.58 1.35 -41.01
CA ILE A 154 -6.93 1.82 -42.24
C ILE A 154 -6.26 0.65 -42.95
N HIS A 155 -5.58 -0.19 -42.18
CA HIS A 155 -4.83 -1.32 -42.74
C HIS A 155 -5.75 -2.32 -43.45
N LEU A 156 -6.94 -2.57 -42.88
CA LEU A 156 -7.84 -3.60 -43.39
C LEU A 156 -9.03 -3.03 -44.15
N GLY A 157 -9.17 -1.69 -44.23
CA GLY A 157 -10.26 -1.04 -44.95
C GLY A 157 -11.62 -1.22 -44.25
N LEU A 158 -11.65 -1.16 -42.91
CA LEU A 158 -12.85 -1.36 -42.11
C LEU A 158 -13.56 -0.02 -41.93
N GLN A 159 -14.81 0.10 -42.38
CA GLN A 159 -15.51 1.39 -42.32
C GLN A 159 -16.72 1.44 -41.40
N GLY A 160 -16.90 0.42 -40.57
CA GLY A 160 -17.94 0.38 -39.57
C GLY A 160 -17.60 1.18 -38.33
N PRO A 161 -18.43 1.02 -37.27
CA PRO A 161 -18.24 1.79 -36.02
C PRO A 161 -16.78 1.65 -35.59
N ASN A 162 -16.17 2.77 -35.13
CA ASN A 162 -14.73 2.82 -34.91
C ASN A 162 -14.52 3.61 -33.61
N TYR A 163 -14.19 2.92 -32.51
CA TYR A 163 -14.05 3.65 -31.26
C TYR A 163 -13.14 2.89 -30.30
N ALA A 164 -12.92 3.46 -29.10
CA ALA A 164 -12.04 2.92 -28.10
C ALA A 164 -12.53 3.28 -26.70
N LEU A 165 -12.59 2.28 -25.83
CA LEU A 165 -12.87 2.42 -24.40
C LEU A 165 -11.57 2.53 -23.64
N THR A 166 -11.67 3.21 -22.48
CA THR A 166 -10.60 3.26 -21.51
C THR A 166 -11.26 3.21 -20.14
N THR A 167 -11.28 2.00 -19.54
CA THR A 167 -11.95 1.84 -18.24
C THR A 167 -11.10 0.94 -17.37
N ALA A 168 -9.80 1.28 -17.33
CA ALA A 168 -8.88 0.61 -16.45
C ALA A 168 -8.95 -0.90 -16.66
N ALA A 169 -9.00 -1.73 -15.62
CA ALA A 169 -9.06 -3.15 -15.75
C ALA A 169 -10.31 -3.70 -16.42
N THR A 170 -11.36 -2.86 -16.62
CA THR A 170 -12.58 -3.30 -17.26
C THR A 170 -12.55 -3.07 -18.77
N THR A 171 -11.48 -2.44 -19.30
CA THR A 171 -11.43 -1.98 -20.69
C THR A 171 -11.81 -3.08 -21.68
N GLY A 172 -11.13 -4.23 -21.59
CA GLY A 172 -11.31 -5.27 -22.56
C GLY A 172 -12.72 -5.87 -22.54
N THR A 173 -13.27 -5.98 -21.31
CA THR A 173 -14.62 -6.48 -21.09
C THR A 173 -15.66 -5.53 -21.69
N HIS A 174 -15.58 -4.23 -21.37
CA HIS A 174 -16.43 -3.21 -21.96
C HIS A 174 -16.32 -3.19 -23.48
N SER A 175 -15.07 -3.28 -23.97
CA SER A 175 -14.84 -3.19 -25.40
C SER A 175 -15.59 -4.29 -26.13
N ILE A 176 -15.49 -5.51 -25.64
CA ILE A 176 -16.16 -6.66 -26.26
C ILE A 176 -17.67 -6.56 -26.06
N GLY A 177 -18.14 -6.18 -24.85
CA GLY A 177 -19.61 -6.14 -24.65
C GLY A 177 -20.27 -5.07 -25.51
N MET A 178 -19.66 -3.88 -25.63
CA MET A 178 -20.21 -2.78 -26.43
C MET A 178 -20.16 -3.09 -27.91
N ALA A 179 -19.09 -3.79 -28.36
CA ALA A 179 -19.05 -4.23 -29.72
C ALA A 179 -20.17 -5.22 -30.01
N ALA A 180 -20.45 -6.12 -29.06
CA ALA A 180 -21.52 -7.09 -29.24
C ALA A 180 -22.87 -6.38 -29.36
N ARG A 181 -23.04 -5.30 -28.58
CA ARG A 181 -24.25 -4.49 -28.72
C ARG A 181 -24.36 -3.86 -30.10
N ASN A 182 -23.29 -3.38 -30.71
CA ASN A 182 -23.35 -2.82 -32.05
C ASN A 182 -23.90 -3.84 -33.04
N ILE A 183 -23.47 -5.09 -32.90
CA ILE A 183 -23.92 -6.13 -33.81
C ILE A 183 -25.37 -6.46 -33.50
N ALA A 184 -25.72 -6.64 -32.24
CA ALA A 184 -27.06 -7.06 -31.83
C ALA A 184 -28.08 -6.07 -32.34
N TYR A 185 -27.73 -4.79 -32.37
CA TYR A 185 -28.70 -3.76 -32.76
C TYR A 185 -28.59 -3.37 -34.23
N GLY A 186 -27.73 -4.01 -35.01
CA GLY A 186 -27.71 -3.84 -36.45
C GLY A 186 -26.79 -2.72 -36.95
N GLU A 187 -25.93 -2.15 -36.10
CA GLU A 187 -24.99 -1.11 -36.49
C GLU A 187 -23.77 -1.70 -37.22
N ALA A 188 -23.55 -2.99 -37.05
CA ALA A 188 -22.44 -3.70 -37.70
C ALA A 188 -22.80 -5.17 -37.75
N ASP A 189 -22.18 -5.92 -38.66
CA ASP A 189 -22.27 -7.37 -38.71
C ASP A 189 -21.06 -8.07 -38.11
N VAL A 190 -19.92 -7.36 -38.05
CA VAL A 190 -18.68 -7.89 -37.51
C VAL A 190 -17.99 -6.77 -36.76
N MET A 191 -17.38 -7.10 -35.62
CA MET A 191 -16.53 -6.14 -34.91
C MET A 191 -15.28 -6.87 -34.46
N VAL A 192 -14.16 -6.18 -34.56
CA VAL A 192 -12.95 -6.62 -33.87
C VAL A 192 -12.85 -5.90 -32.55
N ALA A 193 -12.79 -6.63 -31.42
CA ALA A 193 -12.88 -5.98 -30.13
C ALA A 193 -11.96 -6.65 -29.11
N GLY A 194 -11.51 -5.83 -28.16
CA GLY A 194 -10.57 -6.28 -27.17
C GLY A 194 -9.77 -5.10 -26.64
N GLY A 195 -8.51 -5.39 -26.23
CA GLY A 195 -7.72 -4.36 -25.60
C GLY A 195 -6.24 -4.69 -25.59
N SER A 196 -5.41 -3.68 -25.27
CA SER A 196 -3.95 -3.86 -25.24
C SER A 196 -3.35 -2.95 -24.21
N GLU A 197 -2.19 -3.37 -23.67
CA GLU A 197 -1.55 -2.61 -22.63
C GLU A 197 -0.04 -2.85 -22.69
N MET A 198 0.74 -1.79 -22.47
CA MET A 198 2.17 -1.85 -22.22
CA MET A 198 2.17 -1.89 -22.16
C MET A 198 2.51 -0.70 -21.28
N ALA A 199 2.30 -0.92 -20.00
CA ALA A 199 2.49 0.09 -18.98
C ALA A 199 3.80 -0.11 -18.20
N ALA A 200 4.68 -1.03 -18.60
CA ALA A 200 5.90 -1.36 -17.84
C ALA A 200 7.01 -0.40 -18.27
N CYS A 201 6.85 0.84 -17.89
CA CYS A 201 7.91 1.83 -17.97
C CYS A 201 8.06 2.34 -16.55
N GLY A 202 9.00 3.28 -16.35
CA GLY A 202 9.23 3.83 -15.04
C GLY A 202 7.98 4.44 -14.43
N LEU A 203 7.23 5.21 -15.25
CA LEU A 203 6.00 5.78 -14.72
C LEU A 203 4.95 4.76 -14.31
N GLY A 204 4.85 3.67 -15.08
CA GLY A 204 3.89 2.63 -14.75
C GLY A 204 4.24 1.83 -13.51
N LEU A 205 5.43 1.23 -13.52
CA LEU A 205 5.89 0.49 -12.35
C LEU A 205 5.99 1.43 -11.15
N GLY A 206 6.54 2.63 -11.38
CA GLY A 206 6.69 3.59 -10.32
C GLY A 206 5.35 4.14 -9.84
N GLY A 207 4.39 4.35 -10.74
CA GLY A 207 3.07 4.85 -10.38
C GLY A 207 2.27 3.84 -9.56
N PHE A 208 2.23 2.60 -10.04
CA PHE A 208 1.50 1.59 -9.28
C PHE A 208 2.20 1.27 -7.97
N GLY A 209 3.53 1.33 -7.95
CA GLY A 209 4.30 1.10 -6.74
C GLY A 209 4.08 2.21 -5.74
N ALA A 210 3.99 3.48 -6.22
CA ALA A 210 3.72 4.60 -5.35
C ALA A 210 2.35 4.47 -4.69
N ALA A 211 1.38 3.87 -5.40
CA ALA A 211 0.08 3.57 -4.85
C ALA A 211 0.08 2.31 -3.95
N ARG A 212 1.22 1.65 -3.77
CA ARG A 212 1.35 0.37 -3.05
C ARG A 212 0.39 -0.69 -3.61
N ALA A 213 0.19 -0.70 -4.94
CA ALA A 213 -0.79 -1.58 -5.55
C ALA A 213 -0.20 -2.95 -5.90
N LEU A 214 1.12 -3.01 -6.03
CA LEU A 214 1.80 -4.15 -6.61
C LEU A 214 2.35 -5.09 -5.52
N SER A 215 2.35 -6.38 -5.80
CA SER A 215 3.17 -7.31 -5.04
C SER A 215 4.65 -6.88 -5.07
N THR A 216 5.34 -7.06 -3.94
CA THR A 216 6.79 -6.83 -3.82
C THR A 216 7.57 -8.12 -3.53
N ARG A 217 7.07 -9.27 -4.02
CA ARG A 217 7.72 -10.58 -3.81
C ARG A 217 8.82 -10.83 -4.84
N ASN A 218 9.86 -9.99 -4.80
CA ASN A 218 10.89 -10.02 -5.79
C ASN A 218 11.73 -11.30 -5.73
N ASP A 219 11.79 -11.97 -4.55
CA ASP A 219 12.54 -13.20 -4.40
C ASP A 219 11.91 -14.40 -5.09
N GLU A 220 10.58 -14.35 -5.34
CA GLU A 220 9.86 -15.47 -5.94
C GLU A 220 8.81 -14.91 -6.89
N PRO A 221 9.21 -14.30 -8.02
CA PRO A 221 8.23 -13.66 -8.92
C PRO A 221 7.10 -14.55 -9.40
N THR A 222 7.38 -15.85 -9.66
CA THR A 222 6.34 -16.76 -10.19
C THR A 222 5.29 -17.10 -9.12
N ARG A 223 5.60 -16.84 -7.86
CA ARG A 223 4.70 -17.07 -6.73
C ARG A 223 3.99 -15.80 -6.26
N ALA A 224 4.27 -14.64 -6.89
CA ALA A 224 3.77 -13.36 -6.42
C ALA A 224 2.24 -13.23 -6.61
N SER A 225 1.76 -13.62 -7.79
CA SER A 225 0.34 -13.53 -8.10
C SER A 225 -0.38 -14.75 -7.50
N ARG A 226 -1.14 -14.53 -6.43
CA ARG A 226 -1.68 -15.64 -5.64
C ARG A 226 -3.11 -15.30 -5.19
N PRO A 227 -4.05 -15.18 -6.15
CA PRO A 227 -5.41 -14.81 -5.85
C PRO A 227 -6.06 -15.69 -4.77
N TRP A 228 -6.70 -15.06 -3.79
CA TRP A 228 -7.42 -15.66 -2.67
C TRP A 228 -6.48 -16.32 -1.65
N ASP A 229 -5.18 -16.25 -1.85
CA ASP A 229 -4.23 -16.85 -0.92
C ASP A 229 -4.03 -15.91 0.25
N ARG A 230 -3.88 -16.44 1.48
CA ARG A 230 -3.73 -15.57 2.62
C ARG A 230 -2.48 -14.65 2.59
N ASP A 231 -1.45 -15.00 1.83
CA ASP A 231 -0.20 -14.21 1.76
C ASP A 231 -0.15 -13.28 0.53
N ARG A 232 -1.26 -13.09 -0.18
CA ARG A 232 -1.29 -12.14 -1.29
C ARG A 232 -0.95 -10.73 -0.82
N ASP A 233 -0.29 -9.94 -1.69
CA ASP A 233 0.15 -8.61 -1.34
C ASP A 233 0.10 -7.64 -2.53
N GLY A 234 -0.86 -7.80 -3.44
CA GLY A 234 -1.03 -6.86 -4.53
C GLY A 234 -0.82 -7.54 -5.88
N PHE A 235 -1.17 -6.83 -6.98
CA PHE A 235 -1.19 -7.46 -8.27
C PHE A 235 0.20 -7.40 -8.90
N VAL A 236 0.34 -8.21 -9.96
CA VAL A 236 1.53 -8.27 -10.82
C VAL A 236 1.21 -7.59 -12.15
N LEU A 237 2.01 -6.59 -12.51
CA LEU A 237 1.81 -5.80 -13.72
C LEU A 237 2.28 -6.60 -14.92
N SER A 238 1.39 -6.71 -15.92
CA SER A 238 1.66 -7.49 -17.12
C SER A 238 1.21 -6.70 -18.38
N ASP A 239 1.81 -7.12 -19.50
CA ASP A 239 1.65 -6.50 -20.81
C ASP A 239 1.05 -7.51 -21.77
N GLY A 240 0.43 -6.98 -22.84
CA GLY A 240 -0.05 -7.81 -23.95
C GLY A 240 -1.37 -7.29 -24.49
N SER A 241 -2.08 -8.20 -25.18
CA SER A 241 -3.25 -7.78 -25.94
C SER A 241 -4.14 -8.98 -26.19
N GLY A 242 -5.42 -8.72 -26.40
CA GLY A 242 -6.34 -9.75 -26.82
C GLY A 242 -7.36 -9.12 -27.76
N ALA A 243 -7.77 -9.88 -28.79
CA ALA A 243 -8.76 -9.43 -29.74
C ALA A 243 -9.65 -10.60 -30.13
N LEU A 244 -10.95 -10.30 -30.31
CA LEU A 244 -11.91 -11.29 -30.77
C LEU A 244 -12.56 -10.68 -32.01
N VAL A 245 -12.93 -11.58 -32.96
CA VAL A 245 -13.84 -11.24 -34.05
C VAL A 245 -15.22 -11.70 -33.63
N LEU A 246 -16.08 -10.72 -33.34
CA LEU A 246 -17.48 -10.95 -33.04
C LEU A 246 -18.25 -10.81 -34.34
N GLU A 247 -19.27 -11.66 -34.53
CA GLU A 247 -20.00 -11.70 -35.80
C GLU A 247 -21.45 -12.07 -35.54
N GLU A 248 -22.36 -11.44 -36.28
CA GLU A 248 -23.76 -11.86 -36.21
C GLU A 248 -23.88 -13.32 -36.67
N LEU A 249 -24.71 -14.09 -35.99
CA LEU A 249 -24.76 -15.54 -36.17
C LEU A 249 -25.11 -15.92 -37.60
N GLU A 250 -26.18 -15.32 -38.17
CA GLU A 250 -26.55 -15.72 -39.53
C GLU A 250 -25.47 -15.39 -40.55
N HIS A 251 -24.75 -14.29 -40.36
CA HIS A 251 -23.61 -13.92 -41.18
C HIS A 251 -22.49 -14.97 -41.10
N ALA A 252 -22.18 -15.43 -39.88
CA ALA A 252 -21.17 -16.44 -39.67
C ALA A 252 -21.59 -17.74 -40.39
N ARG A 253 -22.84 -18.16 -40.15
CA ARG A 253 -23.34 -19.41 -40.72
C ARG A 253 -23.28 -19.36 -42.24
N ALA A 254 -23.67 -18.22 -42.83
CA ALA A 254 -23.73 -18.07 -44.29
C ALA A 254 -22.38 -18.28 -44.97
N ARG A 255 -21.29 -17.84 -44.33
CA ARG A 255 -19.98 -17.95 -44.92
C ARG A 255 -19.27 -19.20 -44.44
N GLY A 256 -19.92 -20.07 -43.65
CA GLY A 256 -19.29 -21.30 -43.19
C GLY A 256 -18.21 -21.06 -42.13
N ALA A 257 -18.36 -20.00 -41.33
CA ALA A 257 -17.35 -19.71 -40.31
C ALA A 257 -17.30 -20.82 -39.25
N ARG A 258 -16.12 -21.01 -38.66
CA ARG A 258 -15.96 -21.83 -37.47
CA ARG A 258 -15.96 -21.83 -37.47
C ARG A 258 -16.35 -20.95 -36.26
N ILE A 259 -17.29 -21.43 -35.46
CA ILE A 259 -17.83 -20.67 -34.35
C ILE A 259 -17.26 -21.26 -33.09
N TYR A 260 -16.61 -20.43 -32.25
CA TYR A 260 -16.06 -20.92 -31.01
C TYR A 260 -17.11 -21.01 -29.89
N ALA A 261 -17.98 -20.00 -29.80
CA ALA A 261 -18.91 -19.84 -28.70
C ALA A 261 -19.84 -18.70 -29.05
N GLU A 262 -20.90 -18.58 -28.24
CA GLU A 262 -21.88 -17.52 -28.37
C GLU A 262 -21.64 -16.51 -27.26
N LEU A 263 -21.68 -15.21 -27.58
CA LEU A 263 -21.65 -14.17 -26.56
CA LEU A 263 -21.65 -14.16 -26.56
C LEU A 263 -23.10 -13.78 -26.26
N VAL A 264 -23.59 -14.23 -25.11
CA VAL A 264 -25.04 -14.16 -24.82
C VAL A 264 -25.40 -13.06 -23.83
N GLY A 265 -24.45 -12.55 -23.02
CA GLY A 265 -24.81 -11.53 -22.07
C GLY A 265 -23.67 -10.57 -21.83
N PHE A 266 -24.04 -9.33 -21.46
CA PHE A 266 -23.12 -8.32 -21.02
C PHE A 266 -23.80 -7.43 -19.98
N GLY A 267 -23.11 -7.26 -18.87
CA GLY A 267 -23.58 -6.45 -17.79
C GLY A 267 -22.55 -5.48 -17.29
N MET A 268 -23.04 -4.36 -16.73
CA MET A 268 -22.22 -3.30 -16.18
C MET A 268 -22.81 -2.82 -14.85
N SER A 269 -21.98 -2.23 -14.03
CA SER A 269 -22.44 -1.49 -12.85
C SER A 269 -21.32 -0.56 -12.40
N GLY A 270 -21.63 0.36 -11.47
CA GLY A 270 -20.63 1.07 -10.74
C GLY A 270 -20.80 0.81 -9.25
N ASP A 271 -19.69 0.64 -8.55
CA ASP A 271 -19.75 0.51 -7.10
C ASP A 271 -20.23 1.80 -6.42
N ALA A 272 -19.79 2.94 -6.95
CA ALA A 272 -20.04 4.24 -6.31
C ALA A 272 -19.57 4.22 -4.85
N PHE A 273 -18.36 3.69 -4.62
CA PHE A 273 -17.87 3.43 -3.26
C PHE A 273 -16.53 4.16 -3.02
N HIS A 274 -15.47 3.80 -3.76
CA HIS A 274 -14.11 4.34 -3.53
C HIS A 274 -13.30 4.23 -4.84
N MET A 275 -12.27 5.10 -4.98
CA MET A 275 -11.48 5.21 -6.20
C MET A 275 -10.70 3.93 -6.53
N THR A 276 -10.23 3.16 -5.50
CA THR A 276 -9.39 1.98 -5.76
C THR A 276 -9.82 0.74 -4.99
N ALA A 277 -10.64 0.86 -3.95
CA ALA A 277 -11.03 -0.25 -3.07
C ALA A 277 -12.48 -0.62 -3.33
N PRO A 278 -12.87 -1.91 -3.38
CA PRO A 278 -14.28 -2.26 -3.55
C PRO A 278 -14.99 -2.27 -2.21
N PRO A 279 -16.33 -2.27 -2.18
CA PRO A 279 -17.04 -2.53 -0.95
C PRO A 279 -16.74 -3.97 -0.54
N GLU A 280 -16.62 -4.22 0.78
CA GLU A 280 -16.19 -5.51 1.26
C GLU A 280 -17.14 -6.64 0.85
N ASP A 281 -18.43 -6.36 0.68
CA ASP A 281 -19.41 -7.37 0.30
C ASP A 281 -19.47 -7.52 -1.23
N GLY A 282 -18.72 -6.71 -1.98
CA GLY A 282 -18.71 -6.85 -3.45
C GLY A 282 -20.11 -6.62 -4.03
N ALA A 283 -20.89 -5.72 -3.43
CA ALA A 283 -22.26 -5.50 -3.91
C ALA A 283 -22.30 -5.03 -5.36
N GLY A 284 -21.35 -4.19 -5.80
CA GLY A 284 -21.36 -3.72 -7.18
C GLY A 284 -21.05 -4.83 -8.17
N ALA A 285 -20.10 -5.72 -7.81
CA ALA A 285 -19.80 -6.90 -8.59
C ALA A 285 -21.02 -7.83 -8.69
N ALA A 286 -21.78 -7.97 -7.61
CA ALA A 286 -22.95 -8.82 -7.61
C ALA A 286 -23.99 -8.25 -8.57
N ARG A 287 -24.21 -6.92 -8.51
CA ARG A 287 -25.16 -6.27 -9.41
C ARG A 287 -24.75 -6.50 -10.85
N CYS A 288 -23.44 -6.37 -11.14
CA CYS A 288 -22.93 -6.55 -12.47
C CYS A 288 -23.17 -7.96 -13.02
N MET A 289 -22.85 -8.97 -12.22
CA MET A 289 -23.04 -10.35 -12.66
C MET A 289 -24.54 -10.61 -12.88
N LYS A 290 -25.40 -10.12 -11.99
CA LYS A 290 -26.84 -10.32 -12.19
C LYS A 290 -27.29 -9.66 -13.48
N ASN A 291 -26.83 -8.43 -13.70
CA ASN A 291 -27.17 -7.73 -14.93
C ASN A 291 -26.80 -8.53 -16.16
N ALA A 292 -25.59 -9.11 -16.17
CA ALA A 292 -25.13 -9.91 -17.29
C ALA A 292 -25.98 -11.14 -17.52
N LEU A 293 -26.27 -11.85 -16.44
CA LEU A 293 -27.10 -13.06 -16.54
C LEU A 293 -28.52 -12.73 -16.98
N ARG A 294 -29.09 -11.65 -16.46
CA ARG A 294 -30.42 -11.21 -16.90
C ARG A 294 -30.42 -10.82 -18.39
N ASP A 295 -29.32 -10.17 -18.84
CA ASP A 295 -29.18 -9.86 -20.24
C ASP A 295 -29.10 -11.11 -21.12
N ALA A 296 -28.50 -12.19 -20.61
CA ALA A 296 -28.34 -13.45 -21.30
C ALA A 296 -29.61 -14.29 -21.25
N GLY A 297 -30.55 -13.95 -20.37
CA GLY A 297 -31.70 -14.80 -20.12
C GLY A 297 -31.34 -16.13 -19.48
N LEU A 298 -30.32 -16.10 -18.59
CA LEU A 298 -29.86 -17.28 -17.88
C LEU A 298 -30.05 -17.06 -16.38
N ASP A 299 -30.38 -18.15 -15.69
CA ASP A 299 -30.41 -18.17 -14.25
C ASP A 299 -29.00 -18.38 -13.73
N PRO A 300 -28.65 -17.87 -12.54
CA PRO A 300 -27.35 -18.19 -11.93
C PRO A 300 -27.00 -19.68 -11.86
N ARG A 301 -28.00 -20.57 -11.67
CA ARG A 301 -27.72 -22.00 -11.58
C ARG A 301 -27.20 -22.60 -12.87
N GLN A 302 -27.31 -21.88 -14.01
CA GLN A 302 -26.81 -22.38 -15.28
C GLN A 302 -25.32 -22.09 -15.49
N VAL A 303 -24.68 -21.34 -14.59
CA VAL A 303 -23.27 -20.98 -14.79
C VAL A 303 -22.40 -22.13 -14.29
N ASP A 304 -21.45 -22.56 -15.14
CA ASP A 304 -20.52 -23.64 -14.80
C ASP A 304 -19.12 -23.14 -14.42
N TYR A 305 -18.64 -22.07 -15.08
CA TYR A 305 -17.29 -21.59 -14.88
C TYR A 305 -17.30 -20.05 -14.81
N ILE A 306 -16.52 -19.49 -13.85
CA ILE A 306 -16.26 -18.06 -13.80
C ILE A 306 -14.76 -17.82 -13.92
N ASN A 307 -14.38 -17.01 -14.93
CA ASN A 307 -13.01 -16.50 -14.96
C ASN A 307 -13.07 -15.20 -14.17
N ALA A 308 -12.53 -15.25 -12.96
CA ALA A 308 -12.62 -14.17 -12.00
C ALA A 308 -11.78 -12.99 -12.41
N HIS A 309 -12.12 -11.84 -11.85
CA HIS A 309 -11.20 -10.70 -11.90
C HIS A 309 -9.94 -11.05 -11.12
N GLY A 310 -10.09 -11.48 -9.85
CA GLY A 310 -9.04 -12.12 -9.05
C GLY A 310 -7.63 -11.59 -9.25
N THR A 311 -7.34 -10.36 -8.81
CA THR A 311 -6.05 -9.76 -9.15
C THR A 311 -4.97 -10.03 -8.13
N SER A 312 -5.27 -10.70 -7.01
CA SER A 312 -4.28 -10.94 -5.96
C SER A 312 -4.14 -9.76 -4.99
N THR A 313 -5.22 -8.99 -4.82
CA THR A 313 -5.25 -7.88 -3.86
C THR A 313 -5.94 -8.33 -2.59
N PRO A 314 -5.57 -7.80 -1.42
CA PRO A 314 -6.31 -8.14 -0.20
C PRO A 314 -7.83 -7.93 -0.19
N ALA A 315 -8.26 -6.72 -0.50
CA ALA A 315 -9.68 -6.38 -0.47
C ALA A 315 -10.42 -6.95 -1.67
N GLY A 316 -9.79 -6.85 -2.87
CA GLY A 316 -10.54 -7.19 -4.08
C GLY A 316 -10.94 -8.65 -4.12
N ASP A 317 -9.99 -9.53 -3.80
CA ASP A 317 -10.22 -10.95 -4.00
C ASP A 317 -11.41 -11.41 -3.14
N ILE A 318 -11.46 -10.96 -1.87
CA ILE A 318 -12.47 -11.47 -0.96
CA ILE A 318 -12.45 -11.35 -0.87
C ILE A 318 -13.81 -10.83 -1.30
N ALA A 319 -13.85 -9.58 -1.81
CA ALA A 319 -15.09 -8.99 -2.27
C ALA A 319 -15.71 -9.78 -3.41
N GLU A 320 -14.89 -10.35 -4.31
CA GLU A 320 -15.41 -11.10 -5.42
C GLU A 320 -16.02 -12.43 -4.94
N ILE A 321 -15.41 -13.11 -3.95
CA ILE A 321 -16.01 -14.26 -3.31
C ILE A 321 -17.37 -13.91 -2.74
N ALA A 322 -17.44 -12.82 -1.98
CA ALA A 322 -18.70 -12.42 -1.37
C ALA A 322 -19.79 -12.23 -2.44
N ALA A 323 -19.42 -11.57 -3.52
CA ALA A 323 -20.34 -11.30 -4.62
C ALA A 323 -20.81 -12.60 -5.27
N VAL A 324 -19.90 -13.55 -5.51
CA VAL A 324 -20.25 -14.83 -6.09
C VAL A 324 -21.20 -15.60 -5.16
N LYS A 325 -20.90 -15.61 -3.87
CA LYS A 325 -21.81 -16.26 -2.92
C LYS A 325 -23.19 -15.59 -2.92
N SER A 326 -23.27 -14.26 -3.01
CA SER A 326 -24.54 -13.53 -3.01
CA SER A 326 -24.54 -13.55 -3.01
C SER A 326 -25.38 -13.89 -4.23
N VAL A 327 -24.75 -13.94 -5.42
CA VAL A 327 -25.45 -14.15 -6.67
C VAL A 327 -25.85 -15.60 -6.84
N PHE A 328 -24.95 -16.51 -6.49
CA PHE A 328 -25.13 -17.90 -6.87
C PHE A 328 -25.71 -18.76 -5.74
N GLY A 329 -25.73 -18.28 -4.49
CA GLY A 329 -26.29 -19.04 -3.37
C GLY A 329 -25.65 -20.42 -3.24
N GLU A 330 -26.47 -21.46 -3.10
CA GLU A 330 -25.92 -22.79 -2.93
C GLU A 330 -25.14 -23.26 -4.16
N HIS A 331 -25.55 -22.78 -5.37
CA HIS A 331 -24.86 -23.15 -6.59
C HIS A 331 -23.41 -22.62 -6.61
N ALA A 332 -23.08 -21.63 -5.77
CA ALA A 332 -21.71 -21.13 -5.72
C ALA A 332 -20.71 -22.24 -5.43
N HIS A 333 -21.12 -23.27 -4.66
CA HIS A 333 -20.29 -24.45 -4.43
C HIS A 333 -20.29 -25.51 -5.54
N ALA A 334 -21.04 -25.36 -6.63
CA ALA A 334 -21.05 -26.30 -7.73
C ALA A 334 -20.28 -25.83 -8.95
N LEU A 335 -20.33 -24.52 -9.22
CA LEU A 335 -19.55 -23.92 -10.29
C LEU A 335 -18.06 -23.98 -9.92
N SER A 336 -17.22 -23.77 -10.93
CA SER A 336 -15.80 -23.59 -10.73
C SER A 336 -15.43 -22.15 -11.03
N MET A 337 -14.56 -21.55 -10.24
CA MET A 337 -14.13 -20.18 -10.46
C MET A 337 -12.60 -20.13 -10.38
N SER A 338 -11.92 -19.54 -11.37
CA SER A 338 -10.48 -19.43 -11.25
C SER A 338 -10.01 -18.08 -11.73
N SER A 339 -8.83 -17.72 -11.25
CA SER A 339 -8.14 -16.52 -11.74
C SER A 339 -6.91 -16.98 -12.53
N THR A 340 -6.98 -16.72 -13.83
CA THR A 340 -5.84 -16.94 -14.70
C THR A 340 -4.77 -15.86 -14.53
N LYS A 341 -5.04 -14.80 -13.79
CA LYS A 341 -4.02 -13.82 -13.41
C LYS A 341 -2.99 -14.44 -12.46
N SER A 342 -3.30 -15.55 -11.82
CA SER A 342 -2.30 -16.30 -11.09
C SER A 342 -1.09 -16.66 -11.98
N MET A 343 -1.31 -16.88 -13.27
CA MET A 343 -0.27 -17.21 -14.25
C MET A 343 0.17 -16.00 -15.05
N THR A 344 -0.81 -15.19 -15.54
CA THR A 344 -0.51 -14.12 -16.51
C THR A 344 -0.10 -12.83 -15.84
N GLY A 345 -0.45 -12.62 -14.57
CA GLY A 345 -0.52 -11.34 -13.94
C GLY A 345 -1.66 -10.50 -14.53
N HIS A 346 -1.69 -9.21 -14.22
CA HIS A 346 -2.81 -8.34 -14.51
C HIS A 346 -2.44 -7.49 -15.72
N LEU A 347 -3.05 -7.80 -16.87
CA LEU A 347 -2.80 -7.11 -18.11
C LEU A 347 -3.64 -5.81 -18.23
N LEU A 348 -4.25 -5.34 -17.15
CA LEU A 348 -4.90 -4.02 -17.09
C LEU A 348 -5.92 -3.91 -18.21
N GLY A 349 -5.77 -2.99 -19.16
CA GLY A 349 -6.78 -2.85 -20.22
C GLY A 349 -6.91 -4.04 -21.16
N ALA A 350 -5.94 -4.94 -21.22
CA ALA A 350 -6.03 -6.16 -22.00
C ALA A 350 -6.56 -7.33 -21.16
N ALA A 351 -6.64 -7.23 -19.84
CA ALA A 351 -7.01 -8.38 -19.02
C ALA A 351 -8.36 -8.97 -19.46
N GLY A 352 -9.36 -8.09 -19.63
CA GLY A 352 -10.71 -8.61 -19.96
C GLY A 352 -10.74 -9.28 -21.35
N ALA A 353 -9.85 -8.85 -22.22
CA ALA A 353 -9.77 -9.43 -23.55
C ALA A 353 -9.14 -10.81 -23.52
N VAL A 354 -7.98 -10.92 -22.89
CA VAL A 354 -7.35 -12.25 -22.80
C VAL A 354 -8.19 -13.21 -21.98
N GLU A 355 -8.87 -12.73 -20.94
CA GLU A 355 -9.73 -13.59 -20.14
C GLU A 355 -11.02 -14.01 -20.83
N ALA A 356 -11.55 -13.17 -21.70
CA ALA A 356 -12.66 -13.59 -22.54
C ALA A 356 -12.20 -14.75 -23.43
N ILE A 357 -11.03 -14.66 -24.02
CA ILE A 357 -10.49 -15.73 -24.84
C ILE A 357 -10.33 -17.00 -24.01
N PHE A 358 -9.76 -16.89 -22.81
CA PHE A 358 -9.66 -18.07 -21.92
C PHE A 358 -11.03 -18.65 -21.59
N SER A 359 -12.03 -17.82 -21.40
CA SER A 359 -13.38 -18.29 -21.10
C SER A 359 -13.96 -19.08 -22.27
N VAL A 360 -13.76 -18.58 -23.50
CA VAL A 360 -14.19 -19.25 -24.72
C VAL A 360 -13.49 -20.60 -24.84
N LEU A 361 -12.17 -20.62 -24.62
CA LEU A 361 -11.43 -21.87 -24.73
C LEU A 361 -11.78 -22.88 -23.64
N ALA A 362 -12.18 -22.41 -22.45
CA ALA A 362 -12.71 -23.29 -21.43
C ALA A 362 -13.95 -24.03 -21.95
N LEU A 363 -14.80 -23.32 -22.71
CA LEU A 363 -15.96 -23.91 -23.34
C LEU A 363 -15.54 -24.87 -24.44
N ARG A 364 -14.58 -24.48 -25.27
CA ARG A 364 -14.17 -25.34 -26.38
C ARG A 364 -13.64 -26.65 -25.80
N ASP A 365 -12.80 -26.58 -24.78
CA ASP A 365 -12.03 -27.71 -24.32
C ASP A 365 -12.61 -28.41 -23.11
N GLN A 366 -13.69 -27.89 -22.52
CA GLN A 366 -14.33 -28.47 -21.35
C GLN A 366 -13.31 -28.65 -20.22
N VAL A 367 -12.68 -27.54 -19.85
CA VAL A 367 -11.64 -27.56 -18.85
C VAL A 367 -11.63 -26.19 -18.15
N ALA A 368 -11.63 -26.23 -16.82
CA ALA A 368 -11.44 -25.03 -16.02
C ALA A 368 -9.97 -24.81 -15.79
N PRO A 369 -9.40 -23.66 -16.20
CA PRO A 369 -7.99 -23.37 -15.94
C PRO A 369 -7.80 -23.21 -14.45
N PRO A 370 -6.56 -23.47 -13.96
CA PRO A 370 -6.25 -23.39 -12.53
C PRO A 370 -6.09 -21.97 -12.00
N THR A 371 -6.26 -21.84 -10.69
CA THR A 371 -5.67 -20.76 -9.94
C THR A 371 -4.37 -21.30 -9.34
N ILE A 372 -3.24 -20.99 -9.94
CA ILE A 372 -1.97 -21.44 -9.37
C ILE A 372 -1.65 -20.60 -8.14
N ASN A 373 -0.74 -21.14 -7.30
CA ASN A 373 -0.25 -20.48 -6.11
C ASN A 373 -1.27 -20.36 -4.97
N LEU A 374 -2.41 -21.05 -5.07
CA LEU A 374 -3.46 -20.95 -4.06
C LEU A 374 -3.16 -22.01 -2.97
N ASP A 375 -2.14 -21.67 -2.20
CA ASP A 375 -1.56 -22.60 -1.22
C ASP A 375 -2.41 -22.68 0.03
N ASN A 376 -2.84 -21.52 0.56
CA ASN A 376 -3.56 -21.39 1.80
C ASN A 376 -4.70 -20.40 1.54
N PRO A 377 -5.84 -20.89 1.06
CA PRO A 377 -7.01 -20.01 0.90
C PRO A 377 -7.37 -19.23 2.14
N ASP A 378 -7.69 -17.96 1.94
CA ASP A 378 -8.04 -17.07 3.01
C ASP A 378 -9.42 -17.44 3.55
N GLU A 379 -9.73 -16.82 4.68
CA GLU A 379 -11.00 -16.99 5.37
C GLU A 379 -12.16 -16.74 4.40
N GLY A 380 -13.08 -17.69 4.32
CA GLY A 380 -14.24 -17.51 3.49
C GLY A 380 -13.99 -17.90 2.03
N CYS A 381 -12.79 -18.28 1.65
CA CYS A 381 -12.42 -18.56 0.26
C CYS A 381 -12.51 -20.06 0.04
N ASP A 382 -13.74 -20.58 0.21
CA ASP A 382 -13.98 -22.01 0.35
C ASP A 382 -14.78 -22.53 -0.85
N LEU A 383 -14.80 -21.79 -1.98
CA LEU A 383 -15.43 -22.27 -3.19
C LEU A 383 -14.48 -23.19 -3.94
N ASP A 384 -14.93 -23.76 -5.05
CA ASP A 384 -14.03 -24.45 -5.96
C ASP A 384 -13.27 -23.42 -6.79
N LEU A 385 -12.04 -23.12 -6.34
CA LEU A 385 -11.20 -22.10 -6.98
C LEU A 385 -10.19 -22.73 -7.94
N VAL A 386 -10.34 -24.04 -8.21
CA VAL A 386 -9.52 -24.75 -9.17
C VAL A 386 -8.03 -24.60 -8.77
N ALA A 387 -7.73 -24.75 -7.46
CA ALA A 387 -6.38 -24.54 -6.99
C ALA A 387 -5.40 -25.49 -7.68
N HIS A 388 -4.28 -24.94 -8.14
CA HIS A 388 -3.06 -25.63 -8.53
C HIS A 388 -3.10 -26.25 -9.91
N GLU A 389 -4.18 -26.97 -10.25
CA GLU A 389 -4.21 -27.80 -11.45
C GLU A 389 -5.51 -27.66 -12.23
N ALA A 390 -5.39 -27.66 -13.54
CA ALA A 390 -6.58 -27.56 -14.40
C ALA A 390 -7.54 -28.70 -14.12
N LYS A 391 -8.83 -28.42 -14.31
CA LYS A 391 -9.87 -29.36 -13.99
C LYS A 391 -10.80 -29.55 -15.18
N PRO A 392 -10.66 -30.68 -15.92
CA PRO A 392 -11.69 -31.10 -16.88
C PRO A 392 -13.04 -31.23 -16.21
N ARG A 393 -14.07 -30.62 -16.80
CA ARG A 393 -15.42 -30.67 -16.29
C ARG A 393 -16.40 -30.16 -17.35
N LYS A 394 -17.67 -30.39 -17.10
CA LYS A 394 -18.71 -29.90 -17.99
C LYS A 394 -18.84 -28.37 -17.84
N ILE A 395 -18.75 -27.67 -18.98
CA ILE A 395 -18.92 -26.22 -18.98
C ILE A 395 -19.84 -25.84 -20.15
N ASP A 396 -21.08 -25.42 -19.86
CA ASP A 396 -21.99 -24.93 -20.88
CA ASP A 396 -21.95 -24.93 -20.89
C ASP A 396 -21.99 -23.41 -20.93
N VAL A 397 -21.84 -22.78 -19.76
CA VAL A 397 -21.89 -21.34 -19.61
C VAL A 397 -20.66 -20.91 -18.80
N ALA A 398 -19.94 -19.91 -19.35
CA ALA A 398 -18.79 -19.30 -18.70
C ALA A 398 -18.99 -17.79 -18.54
N LEU A 399 -18.64 -17.25 -17.36
CA LEU A 399 -18.69 -15.82 -17.07
CA LEU A 399 -18.72 -15.82 -17.13
C LEU A 399 -17.29 -15.30 -16.96
N SER A 400 -17.03 -14.07 -17.43
CA SER A 400 -15.76 -13.40 -17.18
C SER A 400 -16.03 -12.04 -16.54
N ASN A 401 -15.38 -11.77 -15.40
CA ASN A 401 -15.56 -10.57 -14.63
C ASN A 401 -14.35 -9.65 -14.72
N SER A 402 -14.62 -8.33 -14.72
CA SER A 402 -13.59 -7.29 -14.63
C SER A 402 -14.10 -6.14 -13.76
N PHE A 403 -13.35 -5.75 -12.75
CA PHE A 403 -13.70 -4.71 -11.80
C PHE A 403 -12.52 -3.72 -11.75
N GLY A 404 -12.72 -2.49 -12.13
CA GLY A 404 -11.64 -1.58 -12.40
C GLY A 404 -11.62 -0.38 -11.44
N PHE A 405 -10.49 0.30 -11.40
CA PHE A 405 -10.37 1.53 -10.66
C PHE A 405 -11.52 2.45 -11.01
N GLY A 406 -12.05 3.11 -9.97
CA GLY A 406 -13.26 3.92 -10.08
C GLY A 406 -14.51 3.14 -9.71
N GLY A 407 -14.40 1.84 -9.47
CA GLY A 407 -15.54 0.99 -9.18
C GLY A 407 -16.34 0.64 -10.44
N THR A 408 -15.68 0.63 -11.59
CA THR A 408 -16.35 0.34 -12.86
C THR A 408 -16.31 -1.17 -13.11
N ASN A 409 -17.47 -1.81 -13.32
CA ASN A 409 -17.58 -3.24 -13.36
C ASN A 409 -18.18 -3.63 -14.70
N GLY A 410 -17.70 -4.77 -15.20
CA GLY A 410 -18.26 -5.42 -16.37
C GLY A 410 -18.15 -6.93 -16.26
N THR A 411 -19.17 -7.60 -16.83
CA THR A 411 -19.24 -9.06 -16.88
C THR A 411 -19.67 -9.46 -18.28
N LEU A 412 -18.97 -10.45 -18.83
CA LEU A 412 -19.44 -11.12 -20.06
C LEU A 412 -19.90 -12.53 -19.77
N VAL A 413 -20.93 -12.98 -20.51
CA VAL A 413 -21.44 -14.33 -20.43
C VAL A 413 -21.35 -15.00 -21.79
N PHE A 414 -20.63 -16.11 -21.83
CA PHE A 414 -20.47 -16.93 -23.03
C PHE A 414 -21.16 -18.29 -22.85
N ARG A 415 -21.62 -18.89 -23.96
CA ARG A 415 -22.30 -20.19 -23.93
C ARG A 415 -21.75 -21.06 -25.07
N ARG A 416 -21.69 -22.38 -24.82
CA ARG A 416 -21.50 -23.30 -25.92
CA ARG A 416 -21.50 -23.31 -25.91
C ARG A 416 -22.61 -23.11 -26.92
N PHE A 417 -22.27 -23.09 -28.22
CA PHE A 417 -23.23 -22.66 -29.24
C PHE A 417 -24.10 -23.82 -29.79
N ALA A 418 -25.43 -23.64 -29.85
CA ALA A 418 -26.34 -24.53 -30.58
C ALA A 418 -27.71 -23.89 -30.82
N SER B 7 9.49 31.66 21.78
CA SER B 7 8.09 31.31 21.40
C SER B 7 7.50 32.40 20.51
N ARG B 8 8.36 33.09 19.71
CA ARG B 8 7.99 34.31 19.03
C ARG B 8 7.12 33.96 17.82
N ARG B 9 7.63 33.22 16.81
CA ARG B 9 6.76 32.74 15.73
C ARG B 9 6.03 31.47 16.20
N ARG B 10 4.85 31.25 15.62
CA ARG B 10 3.99 30.10 15.96
C ARG B 10 4.36 28.92 15.06
N VAL B 11 4.30 27.73 15.65
CA VAL B 11 4.72 26.48 15.01
C VAL B 11 3.53 25.52 15.00
N VAL B 12 3.33 24.88 13.83
CA VAL B 12 2.22 23.99 13.62
C VAL B 12 2.78 22.68 13.06
N ILE B 13 1.97 21.62 13.18
CA ILE B 13 2.27 20.30 12.69
C ILE B 13 1.52 20.07 11.38
N THR B 14 2.27 19.83 10.29
CA THR B 14 1.67 19.68 8.96
C THR B 14 1.89 18.32 8.37
N GLY B 15 2.58 17.41 9.06
CA GLY B 15 2.89 16.12 8.48
C GLY B 15 3.32 15.17 9.60
N MET B 16 2.95 13.91 9.54
CA MET B 16 3.32 12.90 10.54
C MET B 16 3.62 11.58 9.88
N GLY B 17 4.51 10.78 10.49
CA GLY B 17 4.90 9.48 9.98
C GLY B 17 5.32 8.59 11.11
N MET B 18 5.15 7.29 10.97
CA MET B 18 5.38 6.34 12.06
C MET B 18 5.64 4.92 11.56
N LEU B 19 6.48 4.18 12.32
CA LEU B 19 6.52 2.73 12.39
C LEU B 19 6.34 2.38 13.86
N SER B 20 5.48 1.43 14.20
CA SER B 20 5.31 1.03 15.56
C SER B 20 5.00 -0.45 15.63
N PRO B 21 4.97 -1.05 16.83
CA PRO B 21 4.42 -2.40 16.99
C PRO B 21 2.97 -2.59 16.62
N LEU B 22 2.22 -1.50 16.41
CA LEU B 22 0.81 -1.57 15.99
C LEU B 22 0.58 -1.33 14.53
N GLY B 23 1.59 -0.90 13.77
CA GLY B 23 1.35 -0.63 12.35
C GLY B 23 2.55 0.00 11.66
N LEU B 24 2.57 -0.07 10.32
CA LEU B 24 3.62 0.46 9.47
C LEU B 24 3.36 1.87 8.98
N ASP B 25 2.36 2.54 9.53
CA ASP B 25 2.06 3.93 9.26
C ASP B 25 1.24 4.50 10.41
N VAL B 26 0.91 5.77 10.30
CA VAL B 26 0.14 6.45 11.32
C VAL B 26 -1.28 5.91 11.41
N PRO B 27 -2.08 5.88 10.32
N PRO B 27 -2.04 5.83 10.28
CA PRO B 27 -3.46 5.43 10.50
CA PRO B 27 -3.43 5.36 10.35
C PRO B 27 -3.60 4.00 11.00
C PRO B 27 -3.58 4.00 10.99
N SER B 28 -2.75 3.06 10.58
CA SER B 28 -2.82 1.69 11.07
C SER B 28 -2.50 1.60 12.56
N SER B 29 -1.47 2.38 12.94
CA SER B 29 -1.09 2.40 14.34
C SER B 29 -2.20 3.00 15.21
N TRP B 30 -2.73 4.12 14.77
CA TRP B 30 -3.80 4.77 15.53
C TRP B 30 -5.07 3.91 15.62
N GLU B 31 -5.39 3.16 14.56
CA GLU B 31 -6.53 2.26 14.64
C GLU B 31 -6.34 1.23 15.76
N GLY B 32 -5.12 0.69 15.87
CA GLY B 32 -4.75 -0.20 16.96
C GLY B 32 -4.87 0.45 18.32
N ILE B 33 -4.37 1.69 18.45
CA ILE B 33 -4.45 2.41 19.70
C ILE B 33 -5.91 2.52 20.15
N LEU B 34 -6.78 2.98 19.24
CA LEU B 34 -8.16 3.21 19.65
C LEU B 34 -8.92 1.93 19.90
N ALA B 35 -8.49 0.81 19.31
CA ALA B 35 -9.09 -0.49 19.59
C ALA B 35 -8.54 -1.17 20.83
N GLY B 36 -7.51 -0.61 21.48
CA GLY B 36 -6.93 -1.27 22.63
C GLY B 36 -6.07 -2.46 22.30
N ARG B 37 -5.53 -2.53 21.08
CA ARG B 37 -4.76 -3.68 20.62
CA ARG B 37 -4.77 -3.68 20.62
C ARG B 37 -3.36 -3.60 21.20
N SER B 38 -2.82 -4.76 21.58
CA SER B 38 -1.41 -4.85 21.96
C SER B 38 -0.53 -5.15 20.74
N GLY B 39 0.66 -4.54 20.72
CA GLY B 39 1.67 -4.86 19.75
C GLY B 39 2.81 -5.74 20.28
N ILE B 40 2.63 -6.37 21.46
CA ILE B 40 3.70 -7.07 22.14
C ILE B 40 3.55 -8.57 21.90
N ALA B 41 4.66 -9.21 21.62
CA ALA B 41 4.70 -10.65 21.32
C ALA B 41 6.05 -11.21 21.66
N PRO B 42 6.16 -12.56 21.78
CA PRO B 42 7.49 -13.21 21.78
C PRO B 42 8.33 -12.82 20.58
N ILE B 43 9.61 -12.53 20.83
CA ILE B 43 10.50 -12.07 19.78
C ILE B 43 10.88 -13.29 18.93
N GLU B 44 10.87 -13.11 17.61
CA GLU B 44 11.11 -14.20 16.67
C GLU B 44 12.48 -14.15 15.99
N HIS B 45 13.09 -12.96 15.95
CA HIS B 45 14.28 -12.72 15.13
C HIS B 45 15.56 -13.16 15.84
N MET B 46 15.50 -13.63 17.10
CA MET B 46 16.69 -14.16 17.76
C MET B 46 16.30 -15.24 18.76
N ASP B 47 17.31 -15.99 19.25
CA ASP B 47 17.13 -17.00 20.29
C ASP B 47 17.38 -16.41 21.67
N LEU B 48 16.31 -16.30 22.46
CA LEU B 48 16.38 -15.60 23.73
C LEU B 48 16.21 -16.56 24.89
N SER B 49 16.46 -17.88 24.69
CA SER B 49 16.20 -18.84 25.74
C SER B 49 17.06 -18.60 27.01
N ALA B 50 18.25 -17.98 26.89
CA ALA B 50 19.05 -17.62 28.05
C ALA B 50 18.62 -16.30 28.69
N TYR B 51 17.64 -15.56 28.15
CA TYR B 51 17.36 -14.23 28.65
C TYR B 51 16.15 -14.27 29.55
N SER B 52 16.07 -13.34 30.51
CA SER B 52 14.95 -13.35 31.44
C SER B 52 13.67 -12.74 30.83
N THR B 53 13.84 -11.93 29.76
CA THR B 53 12.71 -11.38 29.00
C THR B 53 12.86 -11.81 27.54
N ARG B 54 11.79 -12.39 26.97
CA ARG B 54 11.85 -12.98 25.63
C ARG B 54 10.81 -12.39 24.68
N PHE B 55 10.23 -11.26 25.05
CA PHE B 55 9.15 -10.61 24.30
C PHE B 55 9.38 -9.11 24.27
N GLY B 56 8.67 -8.46 23.35
CA GLY B 56 8.81 -7.05 23.13
C GLY B 56 7.89 -6.60 22.00
N GLY B 57 7.98 -5.31 21.66
CA GLY B 57 7.21 -4.73 20.59
C GLY B 57 8.04 -4.64 19.33
N SER B 58 7.91 -5.56 18.38
CA SER B 58 8.66 -5.52 17.13
C SER B 58 7.83 -4.78 16.07
N VAL B 59 8.50 -4.23 15.07
CA VAL B 59 7.85 -3.73 13.87
C VAL B 59 7.65 -4.97 12.98
N LYS B 60 6.42 -5.20 12.56
CA LYS B 60 6.08 -6.42 11.83
C LYS B 60 5.88 -6.11 10.34
N GLY B 61 6.64 -6.82 9.51
CA GLY B 61 6.44 -6.80 8.08
C GLY B 61 6.95 -5.54 7.39
N PHE B 62 7.93 -4.85 8.00
CA PHE B 62 8.49 -3.69 7.33
C PHE B 62 9.23 -4.08 6.05
N ASN B 63 9.00 -3.29 5.02
CA ASN B 63 9.72 -3.39 3.75
C ASN B 63 10.44 -2.10 3.49
N VAL B 64 11.74 -2.09 3.79
CA VAL B 64 12.57 -0.92 3.62
C VAL B 64 12.61 -0.45 2.15
N GLU B 65 12.42 -1.37 1.22
CA GLU B 65 12.44 -1.07 -0.21
C GLU B 65 11.27 -0.21 -0.67
N GLU B 66 10.24 -0.03 0.16
CA GLU B 66 9.27 1.06 -0.04
C GLU B 66 9.87 2.45 0.07
N TYR B 67 11.04 2.60 0.72
CA TYR B 67 11.64 3.88 1.02
C TYR B 67 13.03 4.02 0.42
N LEU B 68 13.82 2.94 0.37
CA LEU B 68 15.23 3.01 -0.03
C LEU B 68 15.51 1.86 -0.97
N SER B 69 16.56 1.96 -1.79
CA SER B 69 17.08 0.78 -2.48
C SER B 69 17.63 -0.27 -1.53
N ALA B 70 17.69 -1.53 -2.00
CA ALA B 70 18.18 -2.63 -1.18
C ALA B 70 19.66 -2.39 -0.86
N LYS B 71 20.37 -1.86 -1.86
CA LYS B 71 21.82 -1.67 -1.75
C LYS B 71 22.11 -0.68 -0.62
N GLU B 72 21.40 0.47 -0.65
CA GLU B 72 21.49 1.52 0.39
C GLU B 72 21.08 0.96 1.74
N ALA B 73 19.98 0.17 1.79
CA ALA B 73 19.50 -0.33 3.07
C ALA B 73 20.49 -1.28 3.74
N ARG B 74 21.28 -2.06 2.96
CA ARG B 74 22.24 -3.01 3.53
C ARG B 74 23.35 -2.30 4.32
N LYS B 75 23.57 -1.02 4.08
CA LYS B 75 24.57 -0.19 4.75
C LYS B 75 24.07 0.43 6.07
N LEU B 76 22.76 0.36 6.38
CA LEU B 76 22.17 1.14 7.45
C LEU B 76 21.59 0.21 8.51
N ASP B 77 21.86 0.53 9.80
CA ASP B 77 21.22 -0.17 10.90
C ASP B 77 19.71 -0.01 10.81
N LEU B 78 18.99 -0.98 11.36
CA LEU B 78 17.54 -0.89 11.40
C LEU B 78 17.04 0.42 12.02
N PHE B 79 17.69 0.97 13.06
CA PHE B 79 17.12 2.17 13.65
C PHE B 79 17.12 3.32 12.62
N ILE B 80 18.13 3.34 11.76
CA ILE B 80 18.20 4.35 10.72
C ILE B 80 17.12 4.11 9.66
N GLN B 81 16.99 2.86 9.21
CA GLN B 81 15.91 2.52 8.27
C GLN B 81 14.55 2.97 8.80
N TYR B 82 14.28 2.70 10.08
CA TYR B 82 13.03 3.08 10.68
C TYR B 82 12.86 4.59 10.73
N GLY B 83 13.89 5.33 11.17
CA GLY B 83 13.82 6.76 11.20
C GLY B 83 13.55 7.38 9.83
N LEU B 84 14.26 6.84 8.82
CA LEU B 84 14.05 7.36 7.46
C LEU B 84 12.61 7.08 6.98
N ALA B 85 12.12 5.89 7.30
CA ALA B 85 10.75 5.53 6.88
C ALA B 85 9.74 6.54 7.46
N ALA B 86 9.81 6.80 8.76
CA ALA B 86 8.89 7.72 9.42
C ALA B 86 9.04 9.11 8.83
N SER B 87 10.30 9.56 8.63
CA SER B 87 10.61 10.87 8.07
C SER B 87 9.99 11.06 6.69
N PHE B 88 10.24 10.10 5.82
CA PHE B 88 9.73 10.18 4.46
C PHE B 88 8.20 10.18 4.46
N GLN B 89 7.55 9.39 5.32
CA GLN B 89 6.12 9.42 5.44
C GLN B 89 5.66 10.83 5.85
N ALA B 90 6.32 11.43 6.88
CA ALA B 90 5.90 12.73 7.38
C ALA B 90 6.04 13.80 6.28
N VAL B 91 7.17 13.77 5.54
CA VAL B 91 7.39 14.79 4.52
C VAL B 91 6.31 14.64 3.41
N ARG B 92 6.00 13.41 3.03
CA ARG B 92 4.96 13.21 2.00
C ARG B 92 3.63 13.73 2.53
N ASP B 93 3.33 13.42 3.78
CA ASP B 93 2.10 13.80 4.43
C ASP B 93 1.92 15.32 4.44
N SER B 94 3.02 16.06 4.56
CA SER B 94 2.99 17.51 4.66
C SER B 94 2.69 18.21 3.34
N GLY B 95 3.00 17.54 2.24
CA GLY B 95 2.86 18.11 0.88
C GLY B 95 3.93 19.13 0.52
N LEU B 96 4.92 19.33 1.39
CA LEU B 96 5.94 20.34 1.15
C LEU B 96 6.80 19.94 -0.03
N GLU B 97 7.09 20.93 -0.90
CA GLU B 97 8.02 20.82 -2.02
C GLU B 97 9.30 21.56 -1.68
N VAL B 98 10.42 20.85 -1.73
CA VAL B 98 11.72 21.42 -1.44
C VAL B 98 12.30 22.04 -2.72
N THR B 99 12.73 23.31 -2.62
CA THR B 99 13.23 24.07 -3.77
C THR B 99 14.53 24.77 -3.37
N ASP B 100 15.21 25.42 -4.34
CA ASP B 100 16.38 26.23 -4.02
C ASP B 100 16.02 27.40 -3.12
N ALA B 101 14.78 27.92 -3.20
CA ALA B 101 14.38 29.07 -2.42
C ALA B 101 14.10 28.73 -0.96
N ASN B 102 13.87 27.45 -0.61
CA ASN B 102 13.55 27.12 0.76
C ASN B 102 14.48 26.06 1.35
N ARG B 103 15.39 25.42 0.58
CA ARG B 103 16.10 24.28 1.15
C ARG B 103 17.00 24.66 2.31
N GLU B 104 17.52 25.89 2.36
CA GLU B 104 18.33 26.30 3.51
C GLU B 104 17.50 26.55 4.77
N ARG B 105 16.15 26.59 4.64
CA ARG B 105 15.26 26.90 5.73
C ARG B 105 14.54 25.64 6.23
N ILE B 106 14.95 24.47 5.72
CA ILE B 106 14.34 23.19 6.15
C ILE B 106 15.46 22.36 6.77
N GLY B 107 15.27 21.94 8.02
CA GLY B 107 16.25 21.11 8.71
C GLY B 107 15.63 19.82 9.27
N VAL B 108 16.49 19.14 10.04
CA VAL B 108 16.14 17.84 10.57
C VAL B 108 16.76 17.66 11.96
N SER B 109 15.94 17.10 12.85
CA SER B 109 16.38 16.72 14.18
C SER B 109 15.69 15.39 14.55
N MET B 110 16.29 14.30 14.14
CA MET B 110 15.84 12.93 14.45
C MET B 110 16.86 12.27 15.37
N GLY B 111 16.43 11.80 16.52
CA GLY B 111 17.32 11.31 17.55
C GLY B 111 17.12 9.80 17.79
N SER B 112 17.94 9.24 18.69
CA SER B 112 17.83 7.88 19.13
C SER B 112 18.39 7.78 20.53
N GLY B 113 17.86 6.85 21.31
CA GLY B 113 18.36 6.68 22.67
C GLY B 113 19.63 5.85 22.71
N ILE B 114 19.66 4.76 21.93
CA ILE B 114 20.72 3.77 21.96
C ILE B 114 21.36 3.60 20.59
N GLY B 115 20.73 4.00 19.44
CA GLY B 115 21.37 3.91 18.15
C GLY B 115 21.60 2.47 17.70
N GLY B 116 22.70 2.25 16.98
CA GLY B 116 22.87 1.06 16.12
C GLY B 116 23.40 -0.14 16.88
N LEU B 117 22.65 -0.57 17.88
CA LEU B 117 23.13 -1.59 18.81
C LEU B 117 23.19 -2.95 18.11
N THR B 118 22.24 -3.28 17.22
CA THR B 118 22.26 -4.51 16.43
C THR B 118 23.55 -4.54 15.59
N ASN B 119 23.80 -3.47 14.84
CA ASN B 119 24.97 -3.42 13.98
C ASN B 119 26.24 -3.54 14.83
N ILE B 120 26.28 -2.90 16.00
CA ILE B 120 27.48 -2.96 16.81
C ILE B 120 27.72 -4.39 17.28
N GLU B 121 26.63 -5.06 17.69
CA GLU B 121 26.70 -6.43 18.17
C GLU B 121 27.14 -7.37 17.05
N ASN B 122 26.59 -7.22 15.84
CA ASN B 122 26.97 -8.03 14.71
C ASN B 122 28.44 -7.85 14.36
N ASN B 123 28.90 -6.60 14.32
CA ASN B 123 30.28 -6.32 13.98
C ASN B 123 31.21 -6.82 15.09
N CYS B 124 30.77 -6.73 16.32
CA CYS B 124 31.54 -7.22 17.45
C CYS B 124 31.74 -8.74 17.38
N ARG B 125 30.70 -9.46 16.94
CA ARG B 125 30.79 -10.91 16.77
C ARG B 125 31.85 -11.25 15.74
N SER B 126 31.83 -10.57 14.59
CA SER B 126 32.80 -10.82 13.54
C SER B 126 34.21 -10.44 14.03
N LEU B 127 34.36 -9.31 14.73
CA LEU B 127 35.63 -8.93 15.31
C LEU B 127 36.16 -10.03 16.24
N PHE B 128 35.31 -10.63 17.08
CA PHE B 128 35.80 -11.63 18.04
C PHE B 128 36.10 -12.97 17.37
N GLU B 129 35.31 -13.36 16.37
CA GLU B 129 35.51 -14.61 15.65
C GLU B 129 36.67 -14.53 14.65
N GLN B 130 36.83 -13.40 13.95
CA GLN B 130 37.67 -13.30 12.75
C GLN B 130 38.66 -12.14 12.79
N GLY B 131 38.65 -11.24 13.80
CA GLY B 131 39.49 -10.05 13.81
C GLY B 131 38.89 -8.89 12.98
N PRO B 132 39.55 -7.72 13.01
CA PRO B 132 38.99 -6.48 12.46
C PRO B 132 38.81 -6.37 10.96
N ARG B 133 39.46 -7.30 10.19
CA ARG B 133 39.31 -7.34 8.75
CA ARG B 133 39.31 -7.46 8.75
C ARG B 133 37.87 -7.66 8.33
N ARG B 134 37.02 -8.20 9.22
CA ARG B 134 35.63 -8.50 8.87
C ARG B 134 34.68 -7.38 9.28
N ILE B 135 35.18 -6.27 9.87
CA ILE B 135 34.29 -5.15 10.19
C ILE B 135 33.84 -4.50 8.90
N SER B 136 32.55 -4.17 8.79
CA SER B 136 32.02 -3.53 7.60
C SER B 136 32.63 -2.14 7.42
N PRO B 137 32.94 -1.69 6.17
CA PRO B 137 33.25 -0.29 5.89
C PRO B 137 32.16 0.70 6.23
N PHE B 138 30.89 0.22 6.25
CA PHE B 138 29.77 1.10 6.52
C PHE B 138 29.40 1.09 7.99
N PHE B 139 30.18 0.39 8.85
CA PHE B 139 29.87 0.24 10.24
C PHE B 139 29.67 1.60 10.89
N VAL B 140 30.63 2.55 10.76
CA VAL B 140 30.45 3.83 11.43
C VAL B 140 29.28 4.64 10.85
N PRO B 141 29.24 5.03 9.56
CA PRO B 141 28.18 5.91 9.05
C PRO B 141 26.83 5.23 9.08
N GLY B 142 26.80 3.90 9.07
CA GLY B 142 25.56 3.13 9.13
C GLY B 142 25.07 2.86 10.54
N SER B 143 25.78 3.30 11.59
CA SER B 143 25.40 3.03 12.96
C SER B 143 25.27 4.28 13.84
N ILE B 144 25.94 5.37 13.54
CA ILE B 144 25.96 6.49 14.46
C ILE B 144 24.62 7.21 14.39
N ILE B 145 24.29 7.81 15.54
CA ILE B 145 22.92 8.26 15.76
C ILE B 145 22.52 9.38 14.81
N ASN B 146 23.43 10.30 14.48
CA ASN B 146 23.05 11.44 13.64
C ASN B 146 22.82 11.08 12.17
N MET B 147 22.96 9.80 11.79
CA MET B 147 22.81 9.44 10.39
C MET B 147 21.35 9.35 9.92
N VAL B 148 20.36 9.38 10.80
CA VAL B 148 18.99 9.58 10.31
C VAL B 148 18.87 11.00 9.75
N SER B 149 19.31 11.99 10.58
CA SER B 149 19.31 13.37 10.11
C SER B 149 20.19 13.54 8.87
N GLY B 150 21.34 12.90 8.87
CA GLY B 150 22.32 13.00 7.78
C GLY B 150 21.75 12.47 6.46
N PHE B 151 21.28 11.22 6.50
CA PHE B 151 20.77 10.58 5.29
C PHE B 151 19.51 11.28 4.84
N LEU B 152 18.62 11.71 5.76
CA LEU B 152 17.41 12.37 5.32
C LEU B 152 17.74 13.65 4.56
N SER B 153 18.69 14.42 5.11
CA SER B 153 19.10 15.66 4.48
CA SER B 153 19.17 15.66 4.51
C SER B 153 19.67 15.42 3.09
N ILE B 154 20.44 14.34 2.94
CA ILE B 154 21.06 14.04 1.65
C ILE B 154 19.98 13.63 0.64
N HIS B 155 19.06 12.78 1.08
CA HIS B 155 18.02 12.27 0.19
C HIS B 155 17.06 13.38 -0.28
N LEU B 156 16.72 14.35 0.59
CA LEU B 156 15.71 15.38 0.28
C LEU B 156 16.30 16.76 -0.02
N GLY B 157 17.63 16.91 0.08
CA GLY B 157 18.29 18.17 -0.21
C GLY B 157 18.06 19.22 0.86
N LEU B 158 17.99 18.81 2.14
CA LEU B 158 17.67 19.73 3.22
C LEU B 158 18.98 20.34 3.73
N GLN B 159 19.06 21.68 3.74
CA GLN B 159 20.32 22.32 4.13
C GLN B 159 20.23 23.15 5.41
N GLY B 160 19.11 23.12 6.10
CA GLY B 160 18.92 23.81 7.34
C GLY B 160 19.59 23.06 8.50
N PRO B 161 19.33 23.53 9.73
CA PRO B 161 19.92 22.93 10.93
C PRO B 161 19.80 21.41 10.93
N ASN B 162 20.89 20.70 11.25
CA ASN B 162 20.98 19.26 11.04
C ASN B 162 21.61 18.69 12.30
N TYR B 163 20.82 18.07 13.16
CA TYR B 163 21.39 17.59 14.40
C TYR B 163 20.60 16.41 14.93
N ALA B 164 21.08 15.83 16.06
CA ALA B 164 20.44 14.70 16.68
C ALA B 164 20.62 14.74 18.19
N LEU B 165 19.53 14.51 18.93
CA LEU B 165 19.50 14.39 20.36
C LEU B 165 19.60 12.93 20.74
N THR B 166 20.16 12.66 21.93
CA THR B 166 20.15 11.35 22.56
C THR B 166 19.93 11.55 24.06
N THR B 167 18.69 11.47 24.50
CA THR B 167 18.32 11.70 25.91
C THR B 167 17.42 10.57 26.37
N ALA B 168 17.84 9.34 26.06
CA ALA B 168 17.16 8.14 26.52
C ALA B 168 15.68 8.21 26.18
N ALA B 169 14.77 7.94 27.14
CA ALA B 169 13.36 8.00 26.86
C ALA B 169 12.81 9.37 26.51
N THR B 170 13.57 10.47 26.73
CA THR B 170 13.11 11.79 26.40
C THR B 170 13.49 12.24 25.01
N THR B 171 14.25 11.41 24.27
CA THR B 171 14.84 11.82 23.00
C THR B 171 13.83 12.43 22.05
N GLY B 172 12.73 11.71 21.78
CA GLY B 172 11.78 12.19 20.77
C GLY B 172 11.07 13.48 21.15
N THR B 173 10.84 13.65 22.47
CA THR B 173 10.24 14.86 23.01
C THR B 173 11.17 16.06 22.91
N HIS B 174 12.45 15.87 23.32
CA HIS B 174 13.42 16.92 23.16
C HIS B 174 13.67 17.26 21.71
N SER B 175 13.71 16.24 20.82
CA SER B 175 13.94 16.48 19.41
C SER B 175 12.88 17.40 18.82
N ILE B 176 11.61 17.11 19.11
CA ILE B 176 10.52 17.92 18.60
C ILE B 176 10.52 19.33 19.22
N GLY B 177 10.72 19.41 20.52
CA GLY B 177 10.65 20.72 21.19
C GLY B 177 11.79 21.62 20.69
N MET B 178 13.00 21.06 20.57
CA MET B 178 14.14 21.90 20.14
C MET B 178 14.02 22.31 18.67
N ALA B 179 13.44 21.42 17.83
CA ALA B 179 13.16 21.79 16.47
C ALA B 179 12.14 22.92 16.40
N ALA B 180 11.11 22.86 17.25
CA ALA B 180 10.10 23.93 17.34
C ALA B 180 10.72 25.27 17.73
N ARG B 181 11.71 25.23 18.62
CA ARG B 181 12.47 26.43 18.96
C ARG B 181 13.24 26.99 17.78
N ASN B 182 13.87 26.16 16.95
CA ASN B 182 14.56 26.63 15.77
C ASN B 182 13.62 27.44 14.89
N ILE B 183 12.37 26.96 14.74
CA ILE B 183 11.42 27.65 13.92
C ILE B 183 10.94 28.93 14.62
N ALA B 184 10.60 28.82 15.89
CA ALA B 184 10.08 29.95 16.67
C ALA B 184 11.02 31.13 16.65
N TYR B 185 12.33 30.87 16.63
CA TYR B 185 13.31 31.95 16.68
C TYR B 185 13.92 32.25 15.32
N GLY B 186 13.39 31.69 14.24
CA GLY B 186 13.73 32.14 12.89
C GLY B 186 14.93 31.45 12.26
N GLU B 187 15.47 30.39 12.86
CA GLU B 187 16.61 29.68 12.30
C GLU B 187 16.21 28.70 11.18
N ALA B 188 14.92 28.38 11.12
CA ALA B 188 14.37 27.54 10.07
C ALA B 188 12.88 27.85 9.97
N ASP B 189 12.31 27.53 8.84
CA ASP B 189 10.87 27.60 8.61
C ASP B 189 10.17 26.24 8.76
N VAL B 190 10.92 25.15 8.49
CA VAL B 190 10.39 23.78 8.56
C VAL B 190 11.46 22.93 9.23
N MET B 191 11.03 21.99 10.07
CA MET B 191 11.92 20.96 10.60
C MET B 191 11.21 19.62 10.59
N VAL B 192 11.96 18.59 10.20
CA VAL B 192 11.52 17.22 10.43
C VAL B 192 12.11 16.70 11.74
N ALA B 193 11.27 16.31 12.69
CA ALA B 193 11.77 16.03 14.02
C ALA B 193 11.09 14.81 14.62
N GLY B 194 11.82 14.12 15.48
CA GLY B 194 11.31 12.89 16.05
C GLY B 194 12.43 11.96 16.50
N GLY B 195 12.18 10.66 16.50
CA GLY B 195 13.18 9.71 16.89
C GLY B 195 12.91 8.29 16.44
N SER B 196 13.92 7.43 16.56
CA SER B 196 13.81 6.05 16.14
C SER B 196 14.61 5.16 17.09
N GLU B 197 14.26 3.89 17.12
CA GLU B 197 14.90 2.95 18.02
C GLU B 197 14.74 1.52 17.52
N MET B 198 15.80 0.73 17.60
CA MET B 198 15.77 -0.72 17.43
CA MET B 198 15.71 -0.73 17.49
C MET B 198 16.84 -1.30 18.35
N ALA B 199 16.49 -1.57 19.58
CA ALA B 199 17.42 -2.03 20.60
C ALA B 199 17.14 -3.48 21.02
N ALA B 200 16.38 -4.27 20.23
CA ALA B 200 16.08 -5.68 20.55
C ALA B 200 17.17 -6.54 19.97
N CYS B 201 18.31 -6.49 20.64
CA CYS B 201 19.42 -7.37 20.40
C CYS B 201 19.75 -7.92 21.77
N GLY B 202 20.73 -8.80 21.81
CA GLY B 202 21.21 -9.36 23.06
C GLY B 202 21.66 -8.29 24.03
N LEU B 203 22.37 -7.27 23.53
CA LEU B 203 22.83 -6.22 24.43
C LEU B 203 21.67 -5.40 25.01
N GLY B 204 20.60 -5.18 24.24
CA GLY B 204 19.46 -4.40 24.69
C GLY B 204 18.62 -5.16 25.71
N LEU B 205 18.12 -6.31 25.29
CA LEU B 205 17.39 -7.18 26.21
C LEU B 205 18.25 -7.60 27.38
N GLY B 206 19.52 -7.92 27.11
CA GLY B 206 20.40 -8.36 28.19
C GLY B 206 20.79 -7.20 29.09
N GLY B 207 20.97 -6.00 28.50
CA GLY B 207 21.39 -4.84 29.28
C GLY B 207 20.30 -4.33 30.17
N PHE B 208 19.09 -4.15 29.62
CA PHE B 208 18.01 -3.70 30.47
C PHE B 208 17.57 -4.81 31.40
N GLY B 209 17.70 -6.07 31.00
CA GLY B 209 17.44 -7.19 31.90
C GLY B 209 18.39 -7.24 33.08
N ALA B 210 19.68 -6.94 32.83
CA ALA B 210 20.68 -6.91 33.89
C ALA B 210 20.37 -5.78 34.87
N ALA B 211 19.81 -4.67 34.38
CA ALA B 211 19.36 -3.58 35.23
C ALA B 211 18.04 -3.87 35.94
N ARG B 212 17.44 -5.06 35.77
CA ARG B 212 16.10 -5.44 36.21
C ARG B 212 15.04 -4.39 35.90
N ALA B 213 15.15 -3.80 34.72
CA ALA B 213 14.24 -2.73 34.30
C ALA B 213 13.00 -3.30 33.59
N LEU B 214 13.08 -4.54 33.11
CA LEU B 214 12.09 -5.09 32.18
C LEU B 214 11.10 -5.99 32.90
N SER B 215 9.83 -5.96 32.47
CA SER B 215 8.90 -7.02 32.77
C SER B 215 9.46 -8.39 32.35
N THR B 216 9.22 -9.42 33.19
CA THR B 216 9.54 -10.80 32.92
C THR B 216 8.25 -11.64 32.83
N ARG B 217 7.15 -11.05 32.38
CA ARG B 217 5.86 -11.76 32.24
C ARG B 217 5.83 -12.50 30.89
N ASN B 218 6.75 -13.46 30.72
CA ASN B 218 6.93 -14.18 29.46
C ASN B 218 5.70 -15.01 29.07
N ASP B 219 4.95 -15.49 30.06
CA ASP B 219 3.75 -16.30 29.84
C ASP B 219 2.59 -15.50 29.25
N GLU B 220 2.53 -14.15 29.45
CA GLU B 220 1.43 -13.33 28.93
C GLU B 220 2.00 -11.98 28.45
N PRO B 221 2.74 -11.98 27.31
CA PRO B 221 3.42 -10.75 26.81
C PRO B 221 2.46 -9.59 26.63
N THR B 222 1.22 -9.83 26.15
CA THR B 222 0.30 -8.71 25.92
C THR B 222 -0.22 -8.03 27.21
N ARG B 223 -0.10 -8.72 28.34
CA ARG B 223 -0.50 -8.18 29.64
C ARG B 223 0.70 -7.67 30.44
N ALA B 224 1.89 -7.69 29.88
CA ALA B 224 3.09 -7.31 30.63
C ALA B 224 3.12 -5.80 30.97
N SER B 225 2.86 -4.98 29.95
CA SER B 225 2.85 -3.55 30.07
C SER B 225 1.54 -3.07 30.69
N ARG B 226 1.56 -2.67 31.96
CA ARG B 226 0.33 -2.39 32.71
C ARG B 226 0.56 -1.16 33.59
N PRO B 227 0.72 0.03 32.96
CA PRO B 227 0.95 1.27 33.69
C PRO B 227 -0.06 1.50 34.82
N TRP B 228 0.44 1.82 36.02
CA TRP B 228 -0.33 2.16 37.23
C TRP B 228 -1.00 0.94 37.86
N ASP B 229 -0.90 -0.23 37.25
CA ASP B 229 -1.53 -1.44 37.80
C ASP B 229 -0.66 -1.98 38.94
N ARG B 230 -1.30 -2.50 40.00
CA ARG B 230 -0.54 -2.97 41.17
C ARG B 230 0.42 -4.14 40.88
N ASP B 231 0.26 -4.90 39.77
CA ASP B 231 1.12 -6.03 39.47
C ASP B 231 2.16 -5.69 38.38
N ARG B 232 2.34 -4.42 38.05
CA ARG B 232 3.40 -4.00 37.12
C ARG B 232 4.77 -4.43 37.66
N ASP B 233 5.68 -4.75 36.74
CA ASP B 233 7.00 -5.28 37.06
C ASP B 233 8.05 -4.82 36.05
N GLY B 234 7.93 -3.63 35.48
CA GLY B 234 8.97 -3.11 34.60
C GLY B 234 8.45 -2.95 33.16
N PHE B 235 9.22 -2.27 32.33
CA PHE B 235 8.71 -1.84 31.03
C PHE B 235 8.97 -2.97 30.03
N VAL B 236 8.34 -2.77 28.86
CA VAL B 236 8.47 -3.64 27.71
C VAL B 236 9.23 -2.90 26.62
N LEU B 237 10.30 -3.54 26.14
CA LEU B 237 11.16 -2.93 25.14
C LEU B 237 10.48 -3.05 23.76
N SER B 238 10.42 -1.92 23.06
CA SER B 238 9.79 -1.86 21.74
C SER B 238 10.61 -1.04 20.75
N ASP B 239 10.33 -1.29 19.46
CA ASP B 239 11.04 -0.71 18.32
C ASP B 239 10.09 0.16 17.49
N GLY B 240 10.65 1.11 16.76
CA GLY B 240 9.95 1.87 15.75
C GLY B 240 10.46 3.28 15.65
N SER B 241 9.58 4.18 15.19
CA SER B 241 9.99 5.52 14.83
C SER B 241 8.80 6.43 14.72
N GLY B 242 8.98 7.69 15.00
CA GLY B 242 7.99 8.68 14.75
C GLY B 242 8.64 9.93 14.22
N ALA B 243 7.97 10.68 13.31
CA ALA B 243 8.50 11.92 12.77
C ALA B 243 7.35 12.89 12.51
N LEU B 244 7.59 14.15 12.79
CA LEU B 244 6.66 15.23 12.54
C LEU B 244 7.33 16.22 11.62
N VAL B 245 6.50 16.83 10.74
CA VAL B 245 6.91 18.04 10.02
C VAL B 245 6.33 19.23 10.80
N LEU B 246 7.23 19.97 11.41
CA LEU B 246 6.91 21.22 12.10
C LEU B 246 7.13 22.37 11.10
N GLU B 247 6.31 23.41 11.19
CA GLU B 247 6.32 24.47 10.18
C GLU B 247 5.88 25.77 10.81
N GLU B 248 6.52 26.89 10.42
CA GLU B 248 6.03 28.18 10.89
C GLU B 248 4.63 28.44 10.34
N LEU B 249 3.75 29.00 11.16
CA LEU B 249 2.33 29.12 10.84
C LEU B 249 2.11 29.88 9.53
N GLU B 250 2.73 31.04 9.38
CA GLU B 250 2.47 31.85 8.17
C GLU B 250 2.96 31.14 6.91
N HIS B 251 4.05 30.38 7.03
CA HIS B 251 4.58 29.56 5.95
C HIS B 251 3.57 28.50 5.56
N ALA B 252 2.98 27.83 6.57
CA ALA B 252 2.01 26.80 6.31
C ALA B 252 0.78 27.42 5.62
N ARG B 253 0.30 28.54 6.17
CA ARG B 253 -0.92 29.18 5.65
C ARG B 253 -0.72 29.60 4.19
N ALA B 254 0.43 30.18 3.89
CA ALA B 254 0.73 30.68 2.55
C ALA B 254 0.71 29.59 1.48
N ARG B 255 1.10 28.36 1.83
CA ARG B 255 1.10 27.30 0.85
C ARG B 255 -0.17 26.46 0.92
N GLY B 256 -1.15 26.81 1.77
CA GLY B 256 -2.37 26.06 1.93
C GLY B 256 -2.18 24.68 2.57
N ALA B 257 -1.16 24.53 3.43
CA ALA B 257 -0.94 23.28 4.15
C ALA B 257 -2.12 22.90 5.05
N ARG B 258 -2.39 21.59 5.15
CA ARG B 258 -3.28 21.05 6.17
CA ARG B 258 -3.28 21.05 6.17
C ARG B 258 -2.57 21.08 7.53
N ILE B 259 -3.18 21.73 8.53
CA ILE B 259 -2.61 21.88 9.84
C ILE B 259 -3.31 20.90 10.79
N TYR B 260 -2.57 20.03 11.46
CA TYR B 260 -3.13 19.11 12.43
C TYR B 260 -3.43 19.77 13.78
N ALA B 261 -2.49 20.61 14.25
CA ALA B 261 -2.49 21.17 15.57
C ALA B 261 -1.37 22.16 15.67
N GLU B 262 -1.41 22.93 16.77
CA GLU B 262 -0.34 23.88 17.04
C GLU B 262 0.54 23.30 18.15
N LEU B 263 1.87 23.42 18.01
CA LEU B 263 2.78 23.08 19.08
CA LEU B 263 2.80 23.09 19.07
C LEU B 263 3.06 24.37 19.86
N VAL B 264 2.41 24.48 21.01
CA VAL B 264 2.35 25.75 21.74
C VAL B 264 3.38 25.82 22.87
N GLY B 265 3.84 24.67 23.41
CA GLY B 265 4.72 24.73 24.55
C GLY B 265 5.69 23.56 24.63
N PHE B 266 6.86 23.88 25.18
CA PHE B 266 7.92 22.92 25.42
C PHE B 266 8.59 23.28 26.72
N GLY B 267 8.68 22.27 27.58
CA GLY B 267 9.37 22.43 28.83
C GLY B 267 10.39 21.32 29.02
N MET B 268 11.44 21.65 29.78
CA MET B 268 12.49 20.74 30.20
C MET B 268 12.79 20.96 31.67
N SER B 269 13.30 19.91 32.31
CA SER B 269 13.89 20.01 33.64
C SER B 269 14.80 18.80 33.85
N GLY B 270 15.62 18.89 34.90
CA GLY B 270 16.31 17.72 35.40
C GLY B 270 15.89 17.46 36.84
N ASP B 271 15.74 16.20 37.17
CA ASP B 271 15.44 15.79 38.54
C ASP B 271 16.61 16.09 39.47
N ALA B 272 17.83 15.84 38.98
CA ALA B 272 19.03 15.94 39.80
C ALA B 272 18.88 15.08 41.07
N PHE B 273 18.46 13.82 40.89
CA PHE B 273 18.12 12.94 42.01
C PHE B 273 18.87 11.61 41.92
N HIS B 274 18.64 10.78 40.90
CA HIS B 274 19.23 9.44 40.78
C HIS B 274 19.33 9.03 39.30
N MET B 275 20.25 8.11 38.98
CA MET B 275 20.52 7.73 37.58
C MET B 275 19.33 7.05 36.92
N THR B 276 18.51 6.29 37.67
CA THR B 276 17.43 5.53 37.03
C THR B 276 16.06 5.71 37.72
N ALA B 277 16.01 6.16 38.97
CA ALA B 277 14.79 6.22 39.76
C ALA B 277 14.38 7.68 39.91
N PRO B 278 13.08 8.02 39.85
CA PRO B 278 12.65 9.40 40.02
C PRO B 278 12.46 9.70 41.51
N PRO B 279 12.39 10.98 41.91
CA PRO B 279 11.96 11.33 43.26
C PRO B 279 10.51 10.87 43.47
N GLU B 280 10.17 10.42 44.67
CA GLU B 280 8.86 9.79 44.84
C GLU B 280 7.69 10.75 44.57
N ASP B 281 7.88 12.05 44.82
CA ASP B 281 6.86 13.06 44.59
C ASP B 281 6.86 13.56 43.13
N GLY B 282 7.77 13.07 42.29
CA GLY B 282 7.83 13.51 40.90
C GLY B 282 8.07 15.03 40.79
N ALA B 283 8.87 15.63 41.67
CA ALA B 283 9.07 17.07 41.61
C ALA B 283 9.65 17.57 40.29
N GLY B 284 10.59 16.83 39.70
CA GLY B 284 11.17 17.25 38.45
C GLY B 284 10.20 17.19 37.29
N ALA B 285 9.36 16.16 37.27
CA ALA B 285 8.27 16.08 36.31
C ALA B 285 7.28 17.23 36.46
N ALA B 286 6.97 17.60 37.73
CA ALA B 286 6.09 18.72 37.99
C ALA B 286 6.66 20.00 37.42
N ARG B 287 7.96 20.26 37.70
CA ARG B 287 8.60 21.47 37.20
C ARG B 287 8.56 21.50 35.68
N CYS B 288 8.84 20.35 35.05
CA CYS B 288 8.81 20.25 33.61
C CYS B 288 7.43 20.58 33.01
N MET B 289 6.38 20.00 33.55
CA MET B 289 5.05 20.28 33.05
C MET B 289 4.72 21.77 33.23
N LYS B 290 5.03 22.35 34.41
CA LYS B 290 4.75 23.78 34.64
C LYS B 290 5.51 24.64 33.64
N ASN B 291 6.77 24.30 33.42
CA ASN B 291 7.56 24.99 32.44
C ASN B 291 6.92 24.97 31.07
N ALA B 292 6.40 23.80 30.65
CA ALA B 292 5.80 23.68 29.35
C ALA B 292 4.51 24.49 29.23
N LEU B 293 3.67 24.45 30.27
CA LEU B 293 2.43 25.21 30.29
C LEU B 293 2.69 26.71 30.31
N ARG B 294 3.69 27.13 31.11
CA ARG B 294 4.03 28.55 31.16
C ARG B 294 4.59 29.00 29.81
N ASP B 295 5.36 28.14 29.13
CA ASP B 295 5.85 28.41 27.80
C ASP B 295 4.70 28.61 26.81
N ALA B 296 3.65 27.83 26.99
CA ALA B 296 2.51 27.84 26.10
C ALA B 296 1.58 29.01 26.35
N GLY B 297 1.71 29.66 27.53
CA GLY B 297 0.76 30.68 27.94
C GLY B 297 -0.58 30.07 28.31
N LEU B 298 -0.59 28.88 28.92
CA LEU B 298 -1.78 28.14 29.27
C LEU B 298 -1.79 27.87 30.77
N ASP B 299 -2.96 27.97 31.38
CA ASP B 299 -3.17 27.57 32.77
C ASP B 299 -3.31 26.06 32.82
N PRO B 300 -2.89 25.37 33.90
CA PRO B 300 -3.17 23.95 34.07
C PRO B 300 -4.62 23.53 33.83
N ARG B 301 -5.58 24.39 34.18
CA ARG B 301 -6.99 24.06 34.04
C ARG B 301 -7.43 23.95 32.58
N GLN B 302 -6.62 24.43 31.63
CA GLN B 302 -6.96 24.31 30.20
C GLN B 302 -6.54 22.95 29.62
N VAL B 303 -5.81 22.10 30.35
CA VAL B 303 -5.32 20.84 29.79
C VAL B 303 -6.46 19.81 29.88
N ASP B 304 -6.75 19.15 28.75
CA ASP B 304 -7.78 18.12 28.70
C ASP B 304 -7.25 16.69 28.69
N TYR B 305 -6.08 16.46 28.10
CA TYR B 305 -5.57 15.12 27.90
C TYR B 305 -4.06 15.14 28.15
N ILE B 306 -3.57 14.12 28.91
CA ILE B 306 -2.12 13.92 29.04
C ILE B 306 -1.78 12.52 28.54
N ASN B 307 -0.86 12.47 27.58
CA ASN B 307 -0.22 11.22 27.19
C ASN B 307 0.98 11.07 28.10
N ALA B 308 0.83 10.19 29.07
CA ALA B 308 1.77 10.03 30.15
C ALA B 308 3.05 9.39 29.65
N HIS B 309 4.14 9.54 30.45
CA HIS B 309 5.31 8.72 30.22
C HIS B 309 4.97 7.26 30.54
N GLY B 310 4.42 6.99 31.74
CA GLY B 310 3.77 5.74 32.12
C GLY B 310 4.37 4.44 31.58
N THR B 311 5.59 4.09 31.99
CA THR B 311 6.29 2.98 31.38
C THR B 311 5.98 1.62 32.01
N SER B 312 5.19 1.55 33.11
CA SER B 312 4.88 0.31 33.80
C SER B 312 6.00 -0.07 34.76
N THR B 313 6.67 0.95 35.32
CA THR B 313 7.67 0.70 36.36
C THR B 313 7.04 0.96 37.72
N PRO B 314 7.44 0.24 38.77
CA PRO B 314 6.93 0.58 40.12
C PRO B 314 7.08 2.03 40.61
N ALA B 315 8.31 2.55 40.58
CA ALA B 315 8.53 3.90 41.09
C ALA B 315 8.05 4.99 40.14
N GLY B 316 8.33 4.77 38.85
CA GLY B 316 8.06 5.84 37.89
C GLY B 316 6.58 6.16 37.77
N ASP B 317 5.74 5.10 37.72
CA ASP B 317 4.35 5.40 37.39
C ASP B 317 3.71 6.26 38.50
N ILE B 318 3.98 5.90 39.76
CA ILE B 318 3.36 6.60 40.86
C ILE B 318 3.90 8.03 40.99
N ALA B 319 5.20 8.24 40.71
CA ALA B 319 5.79 9.57 40.70
C ALA B 319 5.08 10.51 39.73
N GLU B 320 4.66 9.96 38.54
CA GLU B 320 4.01 10.77 37.57
C GLU B 320 2.60 11.19 38.03
N ILE B 321 1.87 10.30 38.69
CA ILE B 321 0.61 10.65 39.32
C ILE B 321 0.81 11.79 40.33
N ALA B 322 1.82 11.66 41.20
CA ALA B 322 2.08 12.71 42.17
C ALA B 322 2.34 14.06 41.49
N ALA B 323 3.14 14.02 40.41
CA ALA B 323 3.45 15.25 39.69
C ALA B 323 2.19 15.88 39.10
N VAL B 324 1.31 15.06 38.48
CA VAL B 324 0.09 15.58 37.90
C VAL B 324 -0.83 16.14 38.99
N LYS B 325 -0.92 15.47 40.13
CA LYS B 325 -1.72 16.04 41.22
C LYS B 325 -1.16 17.40 41.66
N SER B 326 0.17 17.53 41.74
CA SER B 326 0.81 18.76 42.20
CA SER B 326 0.83 18.75 42.18
C SER B 326 0.52 19.90 41.23
N VAL B 327 0.63 19.65 39.92
CA VAL B 327 0.50 20.69 38.90
C VAL B 327 -0.94 21.11 38.72
N PHE B 328 -1.87 20.15 38.71
CA PHE B 328 -3.21 20.37 38.24
C PHE B 328 -4.20 20.59 39.39
N GLY B 329 -3.87 20.18 40.62
CA GLY B 329 -4.73 20.36 41.78
C GLY B 329 -6.06 19.68 41.54
N GLU B 330 -7.15 20.39 41.81
CA GLU B 330 -8.48 19.78 41.65
C GLU B 330 -8.75 19.38 40.19
N HIS B 331 -8.17 20.13 39.25
CA HIS B 331 -8.32 19.80 37.83
C HIS B 331 -7.68 18.47 37.44
N ALA B 332 -6.82 17.91 38.27
CA ALA B 332 -6.27 16.58 38.01
C ALA B 332 -7.37 15.55 37.83
N HIS B 333 -8.53 15.74 38.49
CA HIS B 333 -9.65 14.82 38.38
C HIS B 333 -10.58 15.13 37.21
N ALA B 334 -10.38 16.23 36.47
CA ALA B 334 -11.18 16.54 35.29
C ALA B 334 -10.54 16.12 33.96
N LEU B 335 -9.20 16.26 33.87
CA LEU B 335 -8.48 15.84 32.66
C LEU B 335 -8.51 14.30 32.57
N SER B 336 -8.12 13.79 31.40
CA SER B 336 -7.89 12.37 31.19
C SER B 336 -6.40 12.17 30.94
N MET B 337 -5.84 11.11 31.52
CA MET B 337 -4.42 10.80 31.33
C MET B 337 -4.31 9.33 30.96
N SER B 338 -3.59 8.98 29.88
CA SER B 338 -3.39 7.58 29.56
C SER B 338 -1.97 7.31 29.12
N SER B 339 -1.56 6.04 29.28
CA SER B 339 -0.29 5.60 28.75
C SER B 339 -0.52 4.65 27.60
N THR B 340 -0.20 5.12 26.41
CA THR B 340 -0.27 4.26 25.23
C THR B 340 0.83 3.19 25.21
N LYS B 341 1.85 3.30 26.11
CA LYS B 341 2.81 2.25 26.29
C LYS B 341 2.17 0.94 26.77
N SER B 342 0.93 1.03 27.36
CA SER B 342 0.18 -0.16 27.66
C SER B 342 0.03 -1.10 26.44
N MET B 343 -0.07 -0.49 25.26
CA MET B 343 -0.26 -1.18 24.01
C MET B 343 1.02 -1.29 23.18
N THR B 344 1.83 -0.20 23.12
CA THR B 344 2.98 -0.15 22.24
C THR B 344 4.26 -0.71 22.90
N GLY B 345 4.33 -0.75 24.21
CA GLY B 345 5.55 -0.84 24.96
C GLY B 345 6.34 0.44 24.82
N HIS B 346 7.57 0.39 25.35
CA HIS B 346 8.40 1.56 25.51
C HIS B 346 9.38 1.60 24.32
N LEU B 347 9.16 2.57 23.42
CA LEU B 347 10.00 2.71 22.22
C LEU B 347 11.24 3.53 22.51
N LEU B 348 11.58 3.81 23.78
CA LEU B 348 12.83 4.48 24.18
CA LEU B 348 12.83 4.46 24.18
C LEU B 348 12.97 5.80 23.42
N GLY B 349 14.01 5.97 22.59
CA GLY B 349 14.17 7.25 21.90
C GLY B 349 13.08 7.62 20.87
N ALA B 350 12.24 6.69 20.49
CA ALA B 350 11.11 6.99 19.61
C ALA B 350 9.84 7.21 20.44
N ALA B 351 9.83 6.89 21.74
CA ALA B 351 8.60 6.98 22.54
C ALA B 351 7.97 8.37 22.44
N GLY B 352 8.77 9.43 22.62
CA GLY B 352 8.20 10.76 22.63
C GLY B 352 7.71 11.22 21.27
N ALA B 353 8.25 10.61 20.21
CA ALA B 353 7.84 10.98 18.87
C ALA B 353 6.48 10.32 18.54
N VAL B 354 6.40 9.03 18.80
CA VAL B 354 5.12 8.34 18.54
C VAL B 354 4.04 8.91 19.45
N GLU B 355 4.36 9.22 20.71
CA GLU B 355 3.36 9.72 21.64
C GLU B 355 2.95 11.17 21.34
N ALA B 356 3.82 11.98 20.72
CA ALA B 356 3.45 13.28 20.21
C ALA B 356 2.42 13.13 19.11
N ILE B 357 2.63 12.16 18.22
CA ILE B 357 1.65 11.90 17.17
C ILE B 357 0.33 11.46 17.80
N PHE B 358 0.34 10.53 18.75
CA PHE B 358 -0.90 10.12 19.41
C PHE B 358 -1.61 11.32 20.09
N SER B 359 -0.87 12.24 20.69
CA SER B 359 -1.45 13.42 21.33
C SER B 359 -2.14 14.32 20.29
N VAL B 360 -1.50 14.49 19.13
CA VAL B 360 -2.05 15.29 18.05
C VAL B 360 -3.34 14.60 17.55
N LEU B 361 -3.30 13.29 17.35
CA LEU B 361 -4.51 12.56 16.87
C LEU B 361 -5.63 12.55 17.89
N ALA B 362 -5.31 12.56 19.19
CA ALA B 362 -6.33 12.78 20.20
C ALA B 362 -7.07 14.10 19.99
N LEU B 363 -6.37 15.17 19.60
CA LEU B 363 -6.92 16.46 19.30
C LEU B 363 -7.77 16.36 18.03
N ARG B 364 -7.23 15.72 17.00
CA ARG B 364 -7.92 15.58 15.76
C ARG B 364 -9.25 14.88 15.98
N ASP B 365 -9.21 13.76 16.71
CA ASP B 365 -10.35 12.86 16.76
C ASP B 365 -11.23 13.00 18.00
N GLN B 366 -10.87 13.89 18.94
CA GLN B 366 -11.63 14.11 20.16
C GLN B 366 -11.81 12.81 20.91
N VAL B 367 -10.69 12.12 21.18
CA VAL B 367 -10.76 10.83 21.86
C VAL B 367 -9.45 10.65 22.64
N ALA B 368 -9.60 10.22 23.87
CA ALA B 368 -8.48 9.84 24.72
C ALA B 368 -8.20 8.38 24.53
N PRO B 369 -6.99 7.97 24.07
CA PRO B 369 -6.62 6.58 23.99
C PRO B 369 -6.60 5.87 25.33
N PRO B 370 -6.86 4.55 25.36
CA PRO B 370 -6.93 3.82 26.63
C PRO B 370 -5.56 3.55 27.25
N THR B 371 -5.59 3.34 28.60
CA THR B 371 -4.55 2.58 29.26
C THR B 371 -5.05 1.13 29.39
N ILE B 372 -4.64 0.24 28.50
CA ILE B 372 -5.05 -1.15 28.63
C ILE B 372 -4.31 -1.82 29.79
N ASN B 373 -4.82 -2.96 30.25
CA ASN B 373 -4.22 -3.77 31.32
C ASN B 373 -4.32 -3.15 32.72
N LEU B 374 -5.08 -2.08 32.87
CA LEU B 374 -5.18 -1.36 34.14
C LEU B 374 -6.33 -2.01 34.93
N ASP B 375 -6.03 -3.23 35.37
CA ASP B 375 -6.98 -4.14 36.05
C ASP B 375 -7.24 -3.67 37.47
N ASN B 376 -6.17 -3.34 38.21
CA ASN B 376 -6.25 -3.02 39.63
C ASN B 376 -5.32 -1.83 39.86
N PRO B 377 -5.81 -0.60 39.71
CA PRO B 377 -4.98 0.58 39.98
C PRO B 377 -4.36 0.53 41.37
N ASP B 378 -3.10 0.93 41.41
CA ASP B 378 -2.33 0.95 42.64
C ASP B 378 -2.83 2.10 43.52
N GLU B 379 -2.34 2.07 44.75
CA GLU B 379 -2.68 3.09 45.73
C GLU B 379 -2.34 4.49 45.20
N GLY B 380 -3.36 5.38 45.31
CA GLY B 380 -3.23 6.75 44.90
C GLY B 380 -3.39 6.94 43.39
N CYS B 381 -3.66 5.87 42.64
CA CYS B 381 -3.80 5.96 41.18
C CYS B 381 -5.26 6.13 40.83
N ASP B 382 -5.85 7.26 41.26
CA ASP B 382 -7.29 7.44 41.31
C ASP B 382 -7.74 8.53 40.34
N LEU B 383 -6.91 8.91 39.35
CA LEU B 383 -7.32 9.85 38.33
C LEU B 383 -8.10 9.08 37.27
N ASP B 384 -8.58 9.81 36.27
CA ASP B 384 -9.13 9.21 35.07
C ASP B 384 -7.95 8.79 34.18
N LEU B 385 -7.60 7.50 34.30
CA LEU B 385 -6.50 6.91 33.56
C LEU B 385 -6.97 6.21 32.30
N VAL B 386 -8.24 6.43 31.93
CA VAL B 386 -8.81 5.91 30.69
C VAL B 386 -8.59 4.38 30.65
N ALA B 387 -8.86 3.69 31.78
CA ALA B 387 -8.63 2.27 31.85
C ALA B 387 -9.43 1.53 30.77
N HIS B 388 -8.75 0.60 30.09
CA HIS B 388 -9.27 -0.47 29.25
C HIS B 388 -9.81 -0.03 27.88
N GLU B 389 -10.53 1.07 27.78
CA GLU B 389 -11.26 1.45 26.57
C GLU B 389 -11.10 2.93 26.25
N ALA B 390 -10.98 3.27 24.96
CA ALA B 390 -10.91 4.66 24.54
C ALA B 390 -12.09 5.46 25.05
N LYS B 391 -11.90 6.76 25.23
CA LYS B 391 -12.90 7.64 25.77
C LYS B 391 -13.07 8.86 24.86
N PRO B 392 -14.13 8.92 24.04
CA PRO B 392 -14.51 10.15 23.35
C PRO B 392 -14.79 11.24 24.37
N ARG B 393 -14.20 12.43 24.16
CA ARG B 393 -14.36 13.58 25.04
C ARG B 393 -13.81 14.83 24.36
N LYS B 394 -14.12 15.98 24.93
CA LYS B 394 -13.59 17.25 24.47
C LYS B 394 -12.11 17.33 24.83
N ILE B 395 -11.30 17.64 23.81
CA ILE B 395 -9.87 17.86 24.00
C ILE B 395 -9.44 19.08 23.18
N ASP B 396 -9.06 20.17 23.84
CA ASP B 396 -8.56 21.35 23.18
C ASP B 396 -7.05 21.45 23.37
N VAL B 397 -6.56 20.92 24.50
CA VAL B 397 -5.14 20.97 24.83
C VAL B 397 -4.71 19.56 25.26
N ALA B 398 -3.59 19.10 24.67
CA ALA B 398 -2.99 17.82 25.03
C ALA B 398 -1.51 18.00 25.39
N LEU B 399 -1.10 17.28 26.43
CA LEU B 399 0.29 17.30 26.89
CA LEU B 399 0.27 17.26 26.92
C LEU B 399 0.87 15.91 26.68
N SER B 400 2.18 15.85 26.36
CA SER B 400 2.90 14.60 26.21
C SER B 400 4.17 14.72 27.06
N ASN B 401 4.32 13.79 28.00
CA ASN B 401 5.44 13.74 28.92
C ASN B 401 6.45 12.66 28.55
N SER B 402 7.76 12.92 28.83
CA SER B 402 8.80 11.93 28.73
C SER B 402 9.82 12.17 29.84
N PHE B 403 10.14 11.14 30.61
CA PHE B 403 11.08 11.22 31.75
C PHE B 403 12.13 10.13 31.55
N GLY B 404 13.39 10.47 31.40
CA GLY B 404 14.39 9.52 30.96
C GLY B 404 15.48 9.28 32.00
N PHE B 405 16.24 8.22 31.78
CA PHE B 405 17.38 7.88 32.61
C PHE B 405 18.26 9.10 32.72
N GLY B 406 18.75 9.35 33.94
CA GLY B 406 19.54 10.53 34.22
C GLY B 406 18.69 11.64 34.84
N GLY B 407 17.37 11.42 34.89
CA GLY B 407 16.41 12.39 35.41
C GLY B 407 16.13 13.52 34.42
N THR B 408 16.31 13.26 33.10
CA THR B 408 16.09 14.25 32.07
C THR B 408 14.62 14.25 31.64
N ASN B 409 13.95 15.38 31.76
CA ASN B 409 12.50 15.47 31.59
C ASN B 409 12.21 16.41 30.43
N GLY B 410 11.15 16.05 29.68
CA GLY B 410 10.58 16.91 28.67
C GLY B 410 9.08 16.78 28.58
N THR B 411 8.42 17.90 28.24
CA THR B 411 6.96 17.93 28.07
C THR B 411 6.69 18.79 26.84
N LEU B 412 5.77 18.33 25.99
CA LEU B 412 5.24 19.14 24.88
C LEU B 412 3.76 19.40 25.13
N VAL B 413 3.30 20.55 24.65
CA VAL B 413 1.93 20.96 24.74
C VAL B 413 1.43 21.29 23.35
N PHE B 414 0.34 20.62 22.93
CA PHE B 414 -0.30 20.83 21.64
C PHE B 414 -1.72 21.36 21.87
N ARG B 415 -2.22 22.18 20.93
CA ARG B 415 -3.54 22.78 21.02
CA ARG B 415 -3.57 22.72 21.04
C ARG B 415 -4.26 22.61 19.68
N ARG B 416 -5.57 22.45 19.72
CA ARG B 416 -6.33 22.69 18.51
C ARG B 416 -6.12 24.14 18.07
N PHE B 417 -5.90 24.35 16.76
CA PHE B 417 -5.41 25.64 16.25
C PHE B 417 -6.56 26.57 15.83
N ALA B 418 -6.47 27.88 16.17
CA ALA B 418 -7.33 28.91 15.58
C ALA B 418 -6.74 30.34 15.72
#